data_6M0A
#
_entry.id   6M0A
#
_cell.length_a   60.346
_cell.length_b   79.936
_cell.length_c   80.105
_cell.angle_alpha   99.950
_cell.angle_beta   109.410
_cell.angle_gamma   104.050
#
_symmetry.space_group_name_H-M   'P 1'
#
loop_
_entity.id
_entity.type
_entity.pdbx_description
1 polymer 'AT3G03890 protein'
2 non-polymer 'PROTOPORPHYRIN IX CONTAINING FE'
3 non-polymer 'AZIDE ION'
4 water water
#
_entity_poly.entity_id   1
_entity_poly.type   'polypeptide(L)'
_entity_poly.pdbx_seq_one_letter_code
;MGSSHHHHHHSSGLVPRGSHMASMTGGQQMGRGSDTDVFKLIQAHEEKAARLSPVEEIRTVLNGSICGMLSTFSQKYEGY
PSGSMVDFACDADGSPILAVSSLAVHTKDLLANPKCSLLIARDPEDRTGLRITLHGDAVLVSEKDQAAVRSAYLAKHPKA
FWVDFGDFSFMRIEPKVVRYVSGVATAFLGSGEFSKEEYQAAKVDPIAQYAKPVTSHMNKDHEEDTKAIVHNITSIPVES
ALMLDLDSLGFNVKATLQGNTFKLRVPFPRRAQDRKDVKTLIVEMLQAAKSN
;
_entity_poly.pdbx_strand_id   A,B,C,D
#
loop_
_chem_comp.id
_chem_comp.type
_chem_comp.name
_chem_comp.formula
AZI non-polymer 'AZIDE ION' 'N3 -1'
HEM non-polymer 'PROTOPORPHYRIN IX CONTAINING FE' 'C34 H32 Fe N4 O4'
#
# COMPACT_ATOMS: atom_id res chain seq x y z
N ASP A 37 -14.24 19.70 -7.31
CA ASP A 37 -13.98 18.35 -6.84
C ASP A 37 -15.19 17.44 -7.04
N VAL A 38 -14.99 16.34 -7.77
CA VAL A 38 -16.10 15.43 -8.08
C VAL A 38 -16.63 14.78 -6.81
N PHE A 39 -15.75 14.12 -6.04
CA PHE A 39 -16.17 13.38 -4.85
C PHE A 39 -16.98 14.22 -3.87
N LYS A 40 -17.02 15.55 -4.03
CA LYS A 40 -17.98 16.38 -3.34
C LYS A 40 -19.21 16.70 -4.19
N LEU A 41 -19.06 16.70 -5.51
CA LEU A 41 -20.20 16.93 -6.39
C LEU A 41 -21.14 15.73 -6.45
N ILE A 42 -20.60 14.51 -6.52
CA ILE A 42 -21.45 13.32 -6.50
C ILE A 42 -22.17 13.21 -5.15
N GLN A 43 -21.43 13.41 -4.05
CA GLN A 43 -22.03 13.26 -2.73
C GLN A 43 -23.24 14.16 -2.57
N ALA A 44 -23.17 15.40 -3.06
CA ALA A 44 -24.30 16.31 -2.94
C ALA A 44 -25.50 15.78 -3.72
N HIS A 45 -25.25 15.15 -4.87
CA HIS A 45 -26.35 14.58 -5.63
C HIS A 45 -26.95 13.37 -4.94
N GLU A 46 -26.10 12.49 -4.38
CA GLU A 46 -26.59 11.30 -3.70
C GLU A 46 -27.44 11.64 -2.49
N GLU A 47 -27.07 12.69 -1.76
CA GLU A 47 -27.82 13.07 -0.57
C GLU A 47 -29.22 13.57 -0.92
N LYS A 48 -29.42 14.11 -2.12
CA LYS A 48 -30.70 14.70 -2.51
C LYS A 48 -31.61 13.73 -3.24
N ALA A 49 -31.04 12.75 -3.94
CA ALA A 49 -31.81 11.99 -4.93
C ALA A 49 -32.88 11.15 -4.24
N ALA A 50 -34.09 11.19 -4.79
CA ALA A 50 -35.19 10.37 -4.28
C ALA A 50 -34.80 8.90 -4.30
N ARG A 51 -35.07 8.21 -3.19
CA ARG A 51 -34.74 6.79 -3.08
C ARG A 51 -35.69 6.19 -2.07
N LEU A 52 -35.78 4.86 -2.07
CA LEU A 52 -36.62 4.20 -1.07
C LEU A 52 -36.14 4.52 0.33
N SER A 53 -37.08 4.54 1.28
CA SER A 53 -36.70 4.60 2.68
C SER A 53 -35.80 3.42 3.02
N PRO A 54 -34.98 3.54 4.07
CA PRO A 54 -34.09 2.41 4.43
C PRO A 54 -34.82 1.07 4.62
N VAL A 55 -35.89 1.03 5.42
CA VAL A 55 -36.56 -0.24 5.67
C VAL A 55 -37.16 -0.80 4.39
N GLU A 56 -37.67 0.08 3.52
CA GLU A 56 -38.25 -0.39 2.28
C GLU A 56 -37.18 -0.94 1.34
N GLU A 57 -36.02 -0.29 1.31
CA GLU A 57 -34.90 -0.77 0.52
C GLU A 57 -34.45 -2.16 0.99
N ILE A 58 -34.26 -2.34 2.30
CA ILE A 58 -33.82 -3.63 2.83
C ILE A 58 -34.90 -4.69 2.59
N ARG A 59 -36.16 -4.36 2.87
CA ARG A 59 -37.25 -5.28 2.57
C ARG A 59 -37.24 -5.70 1.11
N THR A 60 -36.95 -4.76 0.22
CA THR A 60 -37.03 -5.06 -1.21
C THR A 60 -35.83 -5.88 -1.66
N VAL A 61 -34.62 -5.56 -1.19
CA VAL A 61 -33.43 -6.30 -1.59
C VAL A 61 -33.52 -7.73 -1.09
N LEU A 62 -33.88 -7.92 0.17
CA LEU A 62 -34.07 -9.25 0.74
C LEU A 62 -35.09 -10.04 -0.06
N ASN A 63 -36.22 -9.42 -0.42
CA ASN A 63 -37.21 -10.16 -1.18
C ASN A 63 -36.67 -10.55 -2.56
N GLY A 64 -35.77 -9.73 -3.13
CA GLY A 64 -35.23 -10.13 -4.44
C GLY A 64 -34.09 -11.14 -4.37
N SER A 65 -33.55 -11.43 -3.18
CA SER A 65 -32.39 -12.30 -3.07
C SER A 65 -32.82 -13.74 -2.95
N ILE A 66 -31.98 -14.65 -3.46
CA ILE A 66 -32.34 -16.06 -3.48
C ILE A 66 -31.27 -16.98 -2.89
N CYS A 67 -30.14 -16.44 -2.43
CA CYS A 67 -29.08 -17.27 -1.85
CA CYS A 67 -29.12 -17.28 -1.81
C CYS A 67 -28.32 -16.41 -0.86
N GLY A 68 -27.73 -17.05 0.14
CA GLY A 68 -26.97 -16.32 1.16
C GLY A 68 -26.20 -17.26 2.06
N MET A 69 -25.57 -16.68 3.06
CA MET A 69 -24.70 -17.42 3.98
C MET A 69 -25.42 -17.53 5.31
N LEU A 70 -25.62 -18.76 5.76
CA LEU A 70 -26.32 -19.07 6.99
C LEU A 70 -25.28 -19.32 8.08
N SER A 71 -25.40 -18.59 9.18
CA SER A 71 -24.58 -18.86 10.37
C SER A 71 -25.46 -19.57 11.37
N THR A 72 -24.95 -20.66 11.93
CA THR A 72 -25.60 -21.45 12.97
C THR A 72 -24.60 -21.69 14.09
N PHE A 73 -25.09 -22.25 15.18
CA PHE A 73 -24.20 -22.84 16.18
C PHE A 73 -23.86 -24.25 15.79
N SER A 74 -22.56 -24.57 15.77
CA SER A 74 -22.15 -25.91 15.36
C SER A 74 -22.56 -26.94 16.39
N GLN A 75 -23.30 -27.94 15.95
CA GLN A 75 -23.69 -29.04 16.81
C GLN A 75 -22.50 -29.96 17.08
N LYS A 76 -21.67 -30.22 16.08
CA LYS A 76 -20.56 -31.13 16.28
C LYS A 76 -19.42 -30.49 17.06
N TYR A 77 -19.15 -29.20 16.86
CA TYR A 77 -18.00 -28.52 17.48
C TYR A 77 -18.52 -27.52 18.50
N GLU A 78 -18.77 -28.01 19.71
CA GLU A 78 -19.43 -27.23 20.74
C GLU A 78 -18.67 -25.94 21.02
N GLY A 79 -19.41 -24.83 21.11
CA GLY A 79 -18.85 -23.52 21.34
C GLY A 79 -18.51 -22.75 20.08
N TYR A 80 -18.54 -23.39 18.91
CA TYR A 80 -18.19 -22.66 17.72
C TYR A 80 -19.42 -22.36 16.88
N PRO A 81 -19.41 -21.23 16.20
CA PRO A 81 -20.40 -21.00 15.14
C PRO A 81 -20.01 -21.75 13.87
N SER A 82 -20.90 -21.70 12.90
CA SER A 82 -20.66 -22.43 11.67
C SER A 82 -21.34 -21.71 10.53
N GLY A 83 -20.76 -21.82 9.34
CA GLY A 83 -21.31 -21.16 8.17
C GLY A 83 -21.55 -22.13 7.03
N SER A 84 -22.55 -21.80 6.20
CA SER A 84 -22.82 -22.58 4.99
C SER A 84 -23.63 -21.74 4.01
N MET A 85 -23.57 -22.14 2.75
CA MET A 85 -24.35 -21.48 1.70
C MET A 85 -25.73 -22.10 1.66
N VAL A 86 -26.79 -21.27 1.58
CA VAL A 86 -28.14 -21.79 1.42
C VAL A 86 -28.87 -21.02 0.33
N ASP A 87 -29.75 -21.73 -0.37
CA ASP A 87 -30.79 -21.12 -1.17
C ASP A 87 -31.94 -20.75 -0.26
N PHE A 88 -32.65 -19.67 -0.58
CA PHE A 88 -33.85 -19.37 0.20
C PHE A 88 -34.84 -18.58 -0.65
N ALA A 89 -36.02 -18.33 -0.08
CA ALA A 89 -36.98 -17.43 -0.70
C ALA A 89 -37.78 -16.76 0.40
N CYS A 90 -37.95 -15.45 0.33
CA CYS A 90 -38.77 -14.79 1.34
C CYS A 90 -40.24 -15.15 1.16
N ASP A 91 -40.92 -15.43 2.28
CA ASP A 91 -42.37 -15.53 2.19
C ASP A 91 -42.95 -14.11 2.14
N ALA A 92 -44.29 -14.03 2.16
CA ALA A 92 -44.95 -12.74 1.98
C ALA A 92 -44.64 -11.77 3.12
N ASP A 93 -44.34 -12.28 4.32
CA ASP A 93 -43.95 -11.42 5.43
C ASP A 93 -42.48 -11.05 5.43
N GLY A 94 -41.72 -11.53 4.45
CA GLY A 94 -40.28 -11.32 4.43
C GLY A 94 -39.48 -12.36 5.17
N SER A 95 -40.09 -13.47 5.59
CA SER A 95 -39.36 -14.48 6.34
C SER A 95 -38.67 -15.44 5.37
N PRO A 96 -37.35 -15.58 5.44
CA PRO A 96 -36.66 -16.51 4.53
C PRO A 96 -37.14 -17.94 4.74
N ILE A 97 -37.46 -18.59 3.62
CA ILE A 97 -37.85 -19.99 3.60
C ILE A 97 -36.66 -20.78 3.09
N LEU A 98 -36.26 -21.79 3.85
CA LEU A 98 -35.19 -22.71 3.48
C LEU A 98 -35.77 -24.09 3.19
N ALA A 99 -35.23 -24.77 2.19
CA ALA A 99 -35.44 -26.19 1.93
C ALA A 99 -34.16 -26.93 2.26
N VAL A 100 -34.13 -27.63 3.39
CA VAL A 100 -32.91 -28.21 3.92
C VAL A 100 -33.05 -29.71 3.97
N SER A 101 -31.95 -30.41 3.68
CA SER A 101 -31.91 -31.86 3.77
C SER A 101 -31.53 -32.31 5.17
N SER A 102 -32.21 -33.34 5.66
CA SER A 102 -31.86 -33.94 6.95
C SER A 102 -30.44 -34.49 6.96
N LEU A 103 -29.84 -34.67 5.79
CA LEU A 103 -28.46 -35.10 5.73
C LEU A 103 -27.46 -33.98 5.96
N ALA A 104 -27.87 -32.73 5.87
CA ALA A 104 -26.91 -31.63 5.84
C ALA A 104 -26.47 -31.24 7.24
N VAL A 105 -25.23 -30.76 7.32
CA VAL A 105 -24.66 -30.29 8.60
C VAL A 105 -25.50 -29.12 9.17
N HIS A 106 -25.84 -28.13 8.33
CA HIS A 106 -26.54 -26.98 8.87
C HIS A 106 -27.94 -27.36 9.35
N THR A 107 -28.52 -28.39 8.75
CA THR A 107 -29.81 -28.89 9.24
C THR A 107 -29.67 -29.46 10.65
N LYS A 108 -28.67 -30.32 10.86
CA LYS A 108 -28.46 -30.83 12.21
C LYS A 108 -28.15 -29.70 13.18
N ASP A 109 -27.41 -28.66 12.74
CA ASP A 109 -27.22 -27.50 13.60
C ASP A 109 -28.57 -26.88 13.98
N LEU A 110 -29.41 -26.61 12.99
CA LEU A 110 -30.68 -25.94 13.24
C LEU A 110 -31.63 -26.78 14.10
N LEU A 111 -31.59 -28.11 13.97
CA LEU A 111 -32.48 -28.98 14.75
C LEU A 111 -32.05 -29.05 16.20
N ALA A 112 -30.76 -28.81 16.50
CA ALA A 112 -30.29 -28.74 17.88
C ALA A 112 -30.44 -27.34 18.47
N ASN A 113 -30.33 -26.30 17.66
CA ASN A 113 -30.46 -24.90 18.11
C ASN A 113 -30.94 -24.05 16.95
N PRO A 114 -32.18 -23.53 16.99
CA PRO A 114 -32.75 -22.83 15.83
C PRO A 114 -32.23 -21.40 15.64
N LYS A 115 -31.44 -20.87 16.55
CA LYS A 115 -30.94 -19.50 16.43
C LYS A 115 -29.88 -19.41 15.34
N CYS A 116 -30.10 -18.51 14.38
CA CYS A 116 -29.22 -18.44 13.24
C CYS A 116 -29.21 -17.01 12.68
N SER A 117 -28.44 -16.79 11.63
CA SER A 117 -28.46 -15.53 10.93
C SER A 117 -28.21 -15.81 9.45
N LEU A 118 -28.72 -14.92 8.63
CA LEU A 118 -28.66 -15.08 7.19
C LEU A 118 -28.04 -13.80 6.63
N LEU A 119 -26.93 -13.95 5.94
CA LEU A 119 -26.18 -12.83 5.39
C LEU A 119 -26.37 -12.80 3.87
N ILE A 120 -26.85 -11.67 3.36
CA ILE A 120 -27.15 -11.45 1.95
C ILE A 120 -26.33 -10.28 1.44
N ALA A 121 -25.76 -10.42 0.26
CA ALA A 121 -25.06 -9.31 -0.39
C ALA A 121 -25.77 -9.05 -1.71
N ARG A 122 -26.40 -7.87 -1.81
CA ARG A 122 -27.11 -7.48 -3.03
C ARG A 122 -26.30 -7.75 -4.31
N ASP A 123 -25.04 -7.30 -4.32
CA ASP A 123 -24.09 -7.63 -5.37
C ASP A 123 -23.01 -8.49 -4.73
N PRO A 124 -23.11 -9.81 -4.84
CA PRO A 124 -22.27 -10.69 -4.02
C PRO A 124 -20.78 -10.51 -4.18
N GLU A 125 -20.32 -9.86 -5.27
CA GLU A 125 -18.88 -9.66 -5.45
C GLU A 125 -18.42 -8.23 -5.23
N ASP A 126 -19.35 -7.27 -5.14
CA ASP A 126 -19.01 -5.89 -4.78
C ASP A 126 -18.70 -5.80 -3.29
N ARG A 127 -17.41 -5.61 -2.96
CA ARG A 127 -17.02 -5.47 -1.57
C ARG A 127 -17.61 -4.23 -0.90
N THR A 128 -18.06 -3.24 -1.67
CA THR A 128 -18.65 -2.02 -1.12
C THR A 128 -20.17 -2.02 -1.15
N GLY A 129 -20.80 -3.13 -1.50
CA GLY A 129 -22.23 -3.14 -1.69
C GLY A 129 -22.99 -3.15 -0.37
N LEU A 130 -24.30 -3.17 -0.50
CA LEU A 130 -25.17 -3.36 0.64
C LEU A 130 -25.04 -4.80 1.14
N ARG A 131 -24.90 -4.96 2.46
CA ARG A 131 -24.87 -6.27 3.09
C ARG A 131 -25.91 -6.29 4.20
N ILE A 132 -26.79 -7.30 4.17
CA ILE A 132 -27.91 -7.41 5.07
C ILE A 132 -27.73 -8.68 5.90
N THR A 133 -27.85 -8.53 7.22
CA THR A 133 -27.82 -9.68 8.13
C THR A 133 -29.16 -9.75 8.86
N LEU A 134 -29.88 -10.83 8.64
CA LEU A 134 -31.16 -11.11 9.27
C LEU A 134 -30.90 -12.18 10.33
N HIS A 135 -31.16 -11.84 11.59
CA HIS A 135 -31.02 -12.78 12.68
C HIS A 135 -32.40 -13.28 13.10
N GLY A 136 -32.51 -14.57 13.40
CA GLY A 136 -33.78 -15.10 13.83
C GLY A 136 -33.72 -16.56 14.21
N ASP A 137 -34.90 -17.19 14.20
CA ASP A 137 -35.10 -18.53 14.74
C ASP A 137 -35.74 -19.37 13.66
N ALA A 138 -35.05 -20.41 13.23
CA ALA A 138 -35.53 -21.29 12.18
C ALA A 138 -36.59 -22.22 12.76
N VAL A 139 -37.76 -22.27 12.12
CA VAL A 139 -38.87 -23.06 12.61
C VAL A 139 -39.42 -23.94 11.48
N LEU A 140 -39.81 -25.15 11.83
CA LEU A 140 -40.45 -26.04 10.87
C LEU A 140 -41.78 -25.46 10.43
N VAL A 141 -42.08 -25.57 9.15
CA VAL A 141 -43.32 -25.03 8.58
C VAL A 141 -44.49 -25.98 8.87
N SER A 142 -45.63 -25.41 9.26
CA SER A 142 -46.80 -26.23 9.58
C SER A 142 -47.33 -26.93 8.33
N GLU A 143 -48.19 -27.92 8.57
CA GLU A 143 -48.78 -28.68 7.46
C GLU A 143 -49.76 -27.80 6.69
N LYS A 144 -50.47 -26.94 7.40
CA LYS A 144 -51.37 -25.99 6.77
C LYS A 144 -50.63 -24.98 5.90
N ASP A 145 -49.36 -24.70 6.21
CA ASP A 145 -48.59 -23.71 5.46
C ASP A 145 -47.74 -24.30 4.34
N GLN A 146 -47.64 -25.64 4.24
CA GLN A 146 -46.72 -26.29 3.31
C GLN A 146 -46.92 -25.77 1.88
N ALA A 147 -48.17 -25.60 1.46
CA ALA A 147 -48.45 -25.31 0.05
C ALA A 147 -48.06 -23.87 -0.31
N ALA A 148 -48.41 -22.90 0.53
CA ALA A 148 -47.99 -21.53 0.29
C ALA A 148 -46.47 -21.39 0.34
N VAL A 149 -45.84 -22.10 1.28
CA VAL A 149 -44.40 -22.02 1.44
C VAL A 149 -43.69 -22.69 0.26
N ARG A 150 -44.19 -23.86 -0.16
CA ARG A 150 -43.62 -24.53 -1.32
C ARG A 150 -43.65 -23.64 -2.55
N SER A 151 -44.77 -22.93 -2.77
CA SER A 151 -44.88 -22.10 -3.96
C SER A 151 -43.99 -20.86 -3.88
N ALA A 152 -43.88 -20.24 -2.70
CA ALA A 152 -42.95 -19.11 -2.57
C ALA A 152 -41.52 -19.52 -2.88
N TYR A 153 -41.12 -20.73 -2.45
CA TYR A 153 -39.77 -21.21 -2.71
C TYR A 153 -39.56 -21.52 -4.18
N LEU A 154 -40.53 -22.17 -4.81
CA LEU A 154 -40.35 -22.55 -6.21
C LEU A 154 -40.43 -21.34 -7.12
N ALA A 155 -41.19 -20.31 -6.73
CA ALA A 155 -41.14 -19.06 -7.50
C ALA A 155 -39.71 -18.51 -7.63
N LYS A 156 -38.86 -18.71 -6.62
CA LYS A 156 -37.48 -18.25 -6.73
C LYS A 156 -36.53 -19.34 -7.22
N HIS A 157 -36.89 -20.61 -7.00
CA HIS A 157 -36.05 -21.74 -7.43
C HIS A 157 -36.93 -22.69 -8.23
N PRO A 158 -37.28 -22.32 -9.47
CA PRO A 158 -38.31 -23.09 -10.22
C PRO A 158 -37.95 -24.52 -10.52
N LYS A 159 -36.67 -24.87 -10.59
CA LYS A 159 -36.26 -26.24 -10.94
C LYS A 159 -35.86 -27.06 -9.72
N ALA A 160 -36.16 -26.59 -8.51
CA ALA A 160 -35.71 -27.29 -7.30
C ALA A 160 -36.67 -28.45 -6.99
N PHE A 161 -36.67 -29.43 -7.89
CA PHE A 161 -37.56 -30.59 -7.75
C PHE A 161 -37.27 -31.38 -6.47
N TRP A 162 -36.04 -31.31 -5.96
CA TRP A 162 -35.66 -32.08 -4.79
C TRP A 162 -36.43 -31.68 -3.53
N VAL A 163 -37.18 -30.57 -3.54
CA VAL A 163 -37.91 -30.18 -2.34
C VAL A 163 -38.97 -31.20 -1.97
N ASP A 164 -39.34 -32.07 -2.91
CA ASP A 164 -40.32 -33.12 -2.67
C ASP A 164 -39.72 -34.42 -2.15
N PHE A 165 -38.40 -34.61 -2.25
CA PHE A 165 -37.74 -35.76 -1.61
C PHE A 165 -38.12 -35.82 -0.14
N GLY A 166 -38.12 -37.04 0.42
CA GLY A 166 -38.57 -37.21 1.79
C GLY A 166 -37.64 -36.55 2.81
N ASP A 167 -36.34 -36.56 2.56
CA ASP A 167 -35.36 -36.02 3.49
C ASP A 167 -35.25 -34.49 3.45
N PHE A 168 -36.05 -33.82 2.63
CA PHE A 168 -36.11 -32.37 2.58
C PHE A 168 -37.34 -31.85 3.33
N SER A 169 -37.15 -30.75 4.06
CA SER A 169 -38.25 -30.08 4.72
C SER A 169 -38.09 -28.58 4.53
N PHE A 170 -39.20 -27.86 4.59
CA PHE A 170 -39.16 -26.42 4.59
C PHE A 170 -39.01 -25.90 6.01
N MET A 171 -38.10 -24.93 6.19
CA MET A 171 -38.00 -24.21 7.43
C MET A 171 -38.09 -22.72 7.14
N ARG A 172 -38.62 -21.97 8.08
CA ARG A 172 -38.75 -20.54 7.94
C ARG A 172 -37.95 -19.91 9.07
N ILE A 173 -37.15 -18.90 8.72
CA ILE A 173 -36.41 -18.13 9.71
C ILE A 173 -37.31 -16.96 10.08
N GLU A 174 -37.82 -16.97 11.30
CA GLU A 174 -38.67 -15.91 11.84
C GLU A 174 -37.76 -14.80 12.33
N PRO A 175 -37.80 -13.62 11.71
CA PRO A 175 -36.79 -12.61 12.02
C PRO A 175 -36.96 -12.08 13.44
N LYS A 176 -35.83 -11.86 14.10
CA LYS A 176 -35.79 -11.04 15.30
C LYS A 176 -35.35 -9.61 14.99
N VAL A 177 -34.26 -9.46 14.23
CA VAL A 177 -33.72 -8.14 13.94
C VAL A 177 -33.00 -8.23 12.59
N VAL A 178 -33.11 -7.17 11.81
CA VAL A 178 -32.47 -7.11 10.50
C VAL A 178 -31.51 -5.94 10.53
N ARG A 179 -30.22 -6.22 10.30
CA ARG A 179 -29.19 -5.20 10.30
C ARG A 179 -28.60 -5.05 8.89
N TYR A 180 -28.19 -3.83 8.54
CA TYR A 180 -27.52 -3.63 7.27
C TYR A 180 -26.31 -2.74 7.44
N VAL A 181 -25.35 -2.92 6.53
CA VAL A 181 -24.21 -2.05 6.36
C VAL A 181 -23.96 -1.91 4.86
N SER A 182 -23.56 -0.73 4.43
CA SER A 182 -23.30 -0.47 3.02
C SER A 182 -22.10 0.44 2.87
N GLY A 183 -21.40 0.29 1.73
CA GLY A 183 -20.33 1.19 1.40
C GLY A 183 -19.07 1.05 2.23
N VAL A 184 -18.64 -0.19 2.50
CA VAL A 184 -17.39 -0.38 3.21
C VAL A 184 -16.25 0.01 2.26
N ALA A 185 -15.30 0.80 2.77
CA ALA A 185 -14.19 1.34 1.98
C ALA A 185 -14.67 2.36 0.94
N THR A 186 -15.65 3.19 1.32
CA THR A 186 -16.13 4.26 0.45
C THR A 186 -16.45 5.50 1.27
N ALA A 187 -16.72 6.60 0.56
CA ALA A 187 -17.20 7.80 1.23
C ALA A 187 -18.59 7.60 1.80
N PHE A 188 -19.42 6.81 1.13
CA PHE A 188 -20.82 6.60 1.51
C PHE A 188 -20.92 5.41 2.44
N LEU A 189 -21.11 5.68 3.73
CA LEU A 189 -21.30 4.62 4.71
C LEU A 189 -22.67 4.77 5.33
N GLY A 190 -23.48 3.71 5.24
CA GLY A 190 -24.77 3.69 5.89
C GLY A 190 -24.95 2.39 6.64
N SER A 191 -25.64 2.47 7.76
CA SER A 191 -25.88 1.31 8.60
C SER A 191 -27.07 1.59 9.52
N GLY A 192 -27.64 0.51 10.02
CA GLY A 192 -28.80 0.58 10.88
C GLY A 192 -29.38 -0.81 11.07
N GLU A 193 -30.45 -0.85 11.86
CA GLU A 193 -31.13 -2.10 12.13
C GLU A 193 -32.63 -1.85 12.20
N PHE A 194 -33.41 -2.91 11.97
CA PHE A 194 -34.86 -2.85 12.02
C PHE A 194 -35.38 -4.01 12.85
N SER A 195 -36.34 -3.69 13.70
CA SER A 195 -37.03 -4.70 14.48
C SER A 195 -37.88 -5.55 13.55
N LYS A 196 -38.33 -6.69 14.07
CA LYS A 196 -39.23 -7.57 13.33
C LYS A 196 -40.47 -6.82 12.86
N GLU A 197 -41.09 -6.02 13.75
CA GLU A 197 -42.29 -5.28 13.38
C GLU A 197 -42.01 -4.26 12.29
N GLU A 198 -40.92 -3.50 12.42
CA GLU A 198 -40.59 -2.52 11.39
C GLU A 198 -40.36 -3.18 10.04
N TYR A 199 -39.59 -4.28 10.02
CA TYR A 199 -39.30 -4.96 8.77
C TYR A 199 -40.58 -5.55 8.17
N GLN A 200 -41.40 -6.22 8.98
CA GLN A 200 -42.61 -6.86 8.44
C GLN A 200 -43.63 -5.84 7.96
N ALA A 201 -43.68 -4.66 8.56
CA ALA A 201 -44.64 -3.64 8.12
C ALA A 201 -44.23 -3.01 6.78
N ALA A 202 -42.96 -3.07 6.40
CA ALA A 202 -42.56 -2.47 5.12
C ALA A 202 -43.06 -3.30 3.96
N LYS A 203 -43.40 -2.62 2.87
CA LYS A 203 -43.85 -3.28 1.66
C LYS A 203 -42.68 -3.44 0.70
N VAL A 204 -42.65 -4.56 -0.02
CA VAL A 204 -41.70 -4.73 -1.12
C VAL A 204 -42.06 -3.75 -2.23
N ASP A 205 -41.06 -3.05 -2.78
CA ASP A 205 -41.32 -2.14 -3.90
C ASP A 205 -41.83 -2.94 -5.10
N PRO A 206 -43.01 -2.63 -5.63
CA PRO A 206 -43.61 -3.48 -6.66
C PRO A 206 -42.92 -3.39 -8.03
N ILE A 207 -41.98 -2.46 -8.21
CA ILE A 207 -41.31 -2.30 -9.50
C ILE A 207 -40.00 -3.08 -9.56
N ALA A 208 -39.38 -3.38 -8.40
CA ALA A 208 -38.07 -4.02 -8.39
C ALA A 208 -38.08 -5.38 -9.08
N GLN A 209 -39.21 -6.09 -9.07
CA GLN A 209 -39.28 -7.40 -9.71
C GLN A 209 -38.89 -7.35 -11.18
N TYR A 210 -39.11 -6.21 -11.83
CA TYR A 210 -38.76 -6.05 -13.24
C TYR A 210 -37.31 -5.61 -13.43
N ALA A 211 -36.51 -5.61 -12.38
CA ALA A 211 -35.17 -5.04 -12.48
C ALA A 211 -34.30 -5.82 -13.47
N LYS A 212 -34.26 -7.15 -13.33
CA LYS A 212 -33.34 -7.93 -14.17
C LYS A 212 -33.60 -7.72 -15.66
N PRO A 213 -34.80 -7.95 -16.21
CA PRO A 213 -34.97 -7.74 -17.66
C PRO A 213 -34.72 -6.30 -18.09
N VAL A 214 -35.18 -5.30 -17.32
CA VAL A 214 -35.02 -3.91 -17.74
C VAL A 214 -33.55 -3.52 -17.77
N THR A 215 -32.81 -3.85 -16.71
CA THR A 215 -31.41 -3.46 -16.64
C THR A 215 -30.59 -4.15 -17.74
N SER A 216 -30.90 -5.42 -18.04
CA SER A 216 -30.16 -6.15 -19.05
C SER A 216 -30.35 -5.52 -20.42
N HIS A 217 -31.62 -5.42 -20.86
CA HIS A 217 -31.93 -4.84 -22.16
C HIS A 217 -31.33 -3.44 -22.35
N MET A 218 -31.17 -2.70 -21.25
CA MET A 218 -30.60 -1.36 -21.33
C MET A 218 -29.08 -1.38 -21.34
N ASN A 219 -28.47 -2.35 -20.65
CA ASN A 219 -27.02 -2.33 -20.50
C ASN A 219 -26.29 -2.78 -21.77
N LYS A 220 -26.89 -3.64 -22.58
CA LYS A 220 -26.24 -4.16 -23.78
C LYS A 220 -26.73 -3.49 -25.06
N ASP A 221 -27.87 -2.80 -25.04
CA ASP A 221 -28.41 -2.19 -26.25
C ASP A 221 -28.50 -0.66 -26.20
N HIS A 222 -28.42 -0.03 -25.02
CA HIS A 222 -28.64 1.40 -24.98
C HIS A 222 -27.76 2.09 -23.95
N GLU A 223 -26.59 1.52 -23.66
CA GLU A 223 -25.70 2.14 -22.67
C GLU A 223 -25.40 3.60 -23.00
N GLU A 224 -25.52 3.99 -24.27
CA GLU A 224 -25.35 5.40 -24.61
C GLU A 224 -26.55 6.22 -24.14
N ASP A 225 -27.74 5.63 -24.11
CA ASP A 225 -28.90 6.36 -23.61
C ASP A 225 -28.75 6.61 -22.12
N THR A 226 -28.26 5.60 -21.39
CA THR A 226 -28.04 5.73 -19.95
C THR A 226 -27.05 6.84 -19.65
N LYS A 227 -25.97 6.93 -20.43
CA LYS A 227 -24.92 7.92 -20.15
C LYS A 227 -25.46 9.34 -20.32
N ALA A 228 -26.31 9.56 -21.32
CA ALA A 228 -26.90 10.87 -21.53
C ALA A 228 -27.77 11.27 -20.36
N ILE A 229 -28.60 10.34 -19.88
CA ILE A 229 -29.47 10.63 -18.75
C ILE A 229 -28.65 10.99 -17.51
N VAL A 230 -27.64 10.18 -17.21
CA VAL A 230 -26.82 10.43 -16.02
C VAL A 230 -26.11 11.78 -16.13
N HIS A 231 -25.51 12.05 -17.29
CA HIS A 231 -24.86 13.35 -17.50
C HIS A 231 -25.85 14.49 -17.31
N ASN A 232 -27.04 14.38 -17.88
CA ASN A 232 -28.01 15.45 -17.77
C ASN A 232 -28.35 15.74 -16.31
N ILE A 233 -28.57 14.69 -15.51
CA ILE A 233 -29.14 14.85 -14.18
C ILE A 233 -28.09 15.06 -13.10
N THR A 234 -26.83 14.73 -13.37
CA THR A 234 -25.76 14.98 -12.42
C THR A 234 -24.67 15.91 -12.94
N SER A 235 -24.74 16.30 -14.22
CA SER A 235 -23.71 17.14 -14.86
C SER A 235 -22.33 16.46 -14.85
N ILE A 236 -22.27 15.15 -14.68
CA ILE A 236 -21.00 14.43 -14.66
C ILE A 236 -20.78 13.85 -16.06
N PRO A 237 -19.64 14.15 -16.71
CA PRO A 237 -19.32 13.45 -17.97
C PRO A 237 -18.77 12.06 -17.67
N VAL A 238 -19.56 11.03 -17.95
CA VAL A 238 -19.25 9.67 -17.56
C VAL A 238 -18.75 8.88 -18.75
N GLU A 239 -17.61 8.22 -18.56
CA GLU A 239 -17.11 7.30 -19.58
C GLU A 239 -18.14 6.22 -19.86
N SER A 240 -18.77 5.70 -18.82
CA SER A 240 -19.79 4.67 -18.94
C SER A 240 -20.79 4.82 -17.80
N ALA A 241 -21.93 4.16 -17.95
CA ALA A 241 -22.96 4.15 -16.92
C ALA A 241 -23.72 2.85 -17.06
N LEU A 242 -23.56 1.97 -16.07
CA LEU A 242 -24.14 0.65 -16.10
C LEU A 242 -25.26 0.57 -15.08
N MET A 243 -26.47 0.23 -15.52
CA MET A 243 -27.60 0.06 -14.61
C MET A 243 -27.38 -1.16 -13.73
N LEU A 244 -27.58 -0.97 -12.43
CA LEU A 244 -27.46 -2.06 -11.46
C LEU A 244 -28.81 -2.61 -11.10
N ASP A 245 -29.63 -1.81 -10.45
CA ASP A 245 -30.95 -2.17 -10.00
C ASP A 245 -31.94 -1.07 -10.31
N LEU A 246 -33.21 -1.36 -10.01
CA LEU A 246 -34.29 -0.50 -10.38
C LEU A 246 -35.41 -0.63 -9.35
N ASP A 247 -36.08 0.47 -9.04
CA ASP A 247 -37.27 0.47 -8.20
C ASP A 247 -38.23 1.54 -8.73
N SER A 248 -39.35 1.73 -8.04
CA SER A 248 -40.42 2.62 -8.52
C SER A 248 -39.99 4.08 -8.53
N LEU A 249 -38.97 4.45 -7.78
CA LEU A 249 -38.53 5.83 -7.74
C LEU A 249 -37.33 6.12 -8.65
N GLY A 250 -36.73 5.10 -9.27
CA GLY A 250 -35.56 5.32 -10.09
C GLY A 250 -34.66 4.09 -10.07
N PHE A 251 -33.43 4.29 -10.55
CA PHE A 251 -32.46 3.21 -10.63
C PHE A 251 -31.07 3.70 -10.24
N ASN A 252 -30.21 2.76 -9.90
CA ASN A 252 -28.82 3.02 -9.56
C ASN A 252 -27.92 2.53 -10.69
N VAL A 253 -26.76 3.18 -10.84
CA VAL A 253 -25.78 2.84 -11.88
C VAL A 253 -24.37 2.79 -11.30
N LYS A 254 -23.54 1.96 -11.91
CA LYS A 254 -22.09 2.03 -11.71
C LYS A 254 -21.51 2.88 -12.82
N ALA A 255 -20.83 3.95 -12.44
CA ALA A 255 -20.32 4.95 -13.39
C ALA A 255 -18.81 5.11 -13.23
N THR A 256 -18.16 5.46 -14.34
CA THR A 256 -16.72 5.64 -14.38
C THR A 256 -16.36 7.01 -14.95
N LEU A 257 -15.43 7.70 -14.27
CA LEU A 257 -14.73 8.86 -14.80
C LEU A 257 -13.28 8.77 -14.34
N GLN A 258 -12.35 8.97 -15.27
CA GLN A 258 -10.92 8.75 -15.02
C GLN A 258 -10.75 7.30 -14.56
N GLY A 259 -9.94 7.05 -13.53
CA GLY A 259 -9.79 5.73 -12.97
C GLY A 259 -10.62 5.56 -11.70
N ASN A 260 -11.88 5.99 -11.75
CA ASN A 260 -12.76 5.95 -10.60
C ASN A 260 -14.06 5.28 -10.96
N THR A 261 -14.52 4.39 -10.10
CA THR A 261 -15.80 3.71 -10.25
C THR A 261 -16.65 4.01 -9.01
N PHE A 262 -17.92 4.36 -9.24
CA PHE A 262 -18.79 4.78 -8.14
C PHE A 262 -20.23 4.61 -8.61
N LYS A 263 -21.13 4.67 -7.64
CA LYS A 263 -22.55 4.45 -7.86
C LYS A 263 -23.29 5.77 -7.80
N LEU A 264 -24.26 5.94 -8.69
CA LEU A 264 -25.07 7.13 -8.77
C LEU A 264 -26.54 6.75 -8.81
N ARG A 265 -27.34 7.48 -8.04
CA ARG A 265 -28.77 7.30 -8.01
C ARG A 265 -29.40 8.19 -9.08
N VAL A 266 -30.20 7.60 -9.94
CA VAL A 266 -30.92 8.33 -10.98
C VAL A 266 -32.42 8.21 -10.70
N PRO A 267 -33.02 9.21 -10.04
CA PRO A 267 -34.45 9.14 -9.74
C PRO A 267 -35.29 9.47 -10.96
N PHE A 268 -36.47 8.84 -11.04
CA PHE A 268 -37.42 9.24 -12.06
C PHE A 268 -38.03 10.60 -11.72
N PRO A 269 -38.50 11.36 -12.71
CA PRO A 269 -39.28 12.58 -12.40
C PRO A 269 -40.57 12.30 -11.65
N ARG A 270 -41.05 11.05 -11.63
CA ARG A 270 -42.18 10.65 -10.82
C ARG A 270 -42.15 9.14 -10.62
N ARG A 271 -42.96 8.69 -9.66
CA ARG A 271 -42.99 7.27 -9.31
C ARG A 271 -43.56 6.47 -10.48
N ALA A 272 -42.89 5.37 -10.83
CA ALA A 272 -43.34 4.48 -11.88
C ALA A 272 -44.43 3.54 -11.36
N GLN A 273 -45.45 3.32 -12.19
CA GLN A 273 -46.62 2.57 -11.76
C GLN A 273 -46.61 1.10 -12.19
N ASP A 274 -45.88 0.75 -13.25
CA ASP A 274 -45.78 -0.62 -13.75
C ASP A 274 -44.62 -0.67 -14.73
N ARG A 275 -44.45 -1.83 -15.36
CA ARG A 275 -43.27 -2.09 -16.19
C ARG A 275 -43.25 -1.15 -17.39
N LYS A 276 -44.38 -1.03 -18.09
CA LYS A 276 -44.44 -0.17 -19.26
C LYS A 276 -44.15 1.28 -18.89
N ASP A 277 -44.66 1.72 -17.73
CA ASP A 277 -44.37 3.06 -17.25
C ASP A 277 -42.88 3.26 -17.01
N VAL A 278 -42.15 2.20 -16.62
CA VAL A 278 -40.69 2.34 -16.51
C VAL A 278 -40.09 2.67 -17.86
N LYS A 279 -40.53 1.99 -18.92
CA LYS A 279 -40.06 2.32 -20.26
C LYS A 279 -40.45 3.75 -20.63
N THR A 280 -41.71 4.11 -20.36
CA THR A 280 -42.20 5.45 -20.66
C THR A 280 -41.38 6.51 -19.97
N LEU A 281 -41.03 6.30 -18.70
CA LEU A 281 -40.24 7.30 -17.99
C LEU A 281 -38.81 7.40 -18.53
N ILE A 282 -38.22 6.30 -19.02
CA ILE A 282 -36.84 6.36 -19.49
C ILE A 282 -36.76 7.11 -20.82
N VAL A 283 -37.76 6.96 -21.68
CA VAL A 283 -37.78 7.74 -22.93
C VAL A 283 -37.80 9.24 -22.62
N GLU A 284 -38.71 9.65 -21.73
CA GLU A 284 -38.83 11.07 -21.40
C GLU A 284 -37.54 11.63 -20.83
N MET A 285 -36.89 10.87 -19.95
CA MET A 285 -35.65 11.36 -19.38
C MET A 285 -34.55 11.47 -20.44
N LEU A 286 -34.59 10.61 -21.46
CA LEU A 286 -33.64 10.73 -22.56
C LEU A 286 -33.97 11.94 -23.42
N GLN A 287 -35.23 12.06 -23.84
CA GLN A 287 -35.65 13.23 -24.60
C GLN A 287 -35.19 14.52 -23.93
N ALA A 288 -35.42 14.63 -22.62
CA ALA A 288 -34.95 15.79 -21.86
C ALA A 288 -33.44 15.94 -21.94
N ALA A 289 -32.71 14.84 -22.17
CA ALA A 289 -31.26 14.91 -22.12
C ALA A 289 -30.66 15.56 -23.37
N LYS A 290 -31.33 15.42 -24.51
CA LYS A 290 -30.85 16.07 -25.73
C LYS A 290 -30.62 17.56 -25.52
N SER A 291 -31.50 18.18 -24.74
CA SER A 291 -31.41 19.60 -24.43
C SER A 291 -30.45 19.85 -23.26
N THR B 36 -27.50 -40.24 -18.92
CA THR B 36 -28.00 -41.61 -18.85
C THR B 36 -26.85 -42.61 -18.69
N ASP B 37 -26.16 -42.90 -19.80
CA ASP B 37 -25.00 -43.79 -19.78
C ASP B 37 -23.67 -43.05 -19.67
N VAL B 38 -23.64 -41.76 -20.06
CA VAL B 38 -22.43 -40.96 -19.90
C VAL B 38 -22.21 -40.55 -18.45
N PHE B 39 -23.29 -40.33 -17.70
CA PHE B 39 -23.17 -40.00 -16.28
C PHE B 39 -22.52 -41.13 -15.48
N LYS B 40 -22.53 -42.36 -16.02
CA LYS B 40 -21.76 -43.45 -15.44
C LYS B 40 -20.36 -43.53 -16.04
N LEU B 41 -20.17 -43.03 -17.26
CA LEU B 41 -18.83 -42.93 -17.80
C LEU B 41 -18.02 -41.83 -17.10
N ILE B 42 -18.70 -40.73 -16.74
CA ILE B 42 -18.03 -39.67 -15.99
C ILE B 42 -17.55 -40.20 -14.66
N GLN B 43 -18.43 -40.90 -13.95
CA GLN B 43 -18.10 -41.41 -12.62
C GLN B 43 -16.85 -42.28 -12.66
N ALA B 44 -16.72 -43.15 -13.66
CA ALA B 44 -15.55 -44.01 -13.77
C ALA B 44 -14.28 -43.20 -14.00
N HIS B 45 -14.37 -42.13 -14.78
CA HIS B 45 -13.19 -41.31 -15.00
C HIS B 45 -12.82 -40.52 -13.74
N GLU B 46 -13.81 -39.93 -13.08
CA GLU B 46 -13.53 -39.11 -11.90
C GLU B 46 -12.92 -39.93 -10.77
N GLU B 47 -13.34 -41.19 -10.63
CA GLU B 47 -12.79 -42.03 -9.57
C GLU B 47 -11.32 -42.36 -9.80
N LYS B 48 -10.85 -42.37 -11.05
CA LYS B 48 -9.49 -42.80 -11.37
C LYS B 48 -8.49 -41.66 -11.50
N ALA B 49 -8.92 -40.48 -11.92
CA ALA B 49 -7.98 -39.46 -12.36
C ALA B 49 -7.13 -38.95 -11.21
N ALA B 50 -5.82 -38.85 -11.45
CA ALA B 50 -4.90 -38.32 -10.45
C ALA B 50 -5.31 -36.93 -9.98
N ARG B 51 -5.26 -36.75 -8.66
CA ARG B 51 -5.66 -35.49 -8.05
C ARG B 51 -4.90 -35.34 -6.75
N LEU B 52 -4.84 -34.11 -6.25
CA LEU B 52 -4.24 -33.89 -4.95
C LEU B 52 -4.99 -34.71 -3.92
N SER B 53 -4.29 -35.12 -2.87
CA SER B 53 -4.98 -35.71 -1.75
C SER B 53 -6.00 -34.72 -1.17
N PRO B 54 -7.01 -35.22 -0.46
CA PRO B 54 -7.98 -34.29 0.16
C PRO B 54 -7.37 -33.17 0.98
N VAL B 55 -6.50 -33.49 1.95
CA VAL B 55 -5.96 -32.43 2.80
C VAL B 55 -5.11 -31.46 1.99
N GLU B 56 -4.39 -31.95 0.98
CA GLU B 56 -3.58 -31.06 0.15
C GLU B 56 -4.46 -30.16 -0.70
N GLU B 57 -5.57 -30.70 -1.22
CA GLU B 57 -6.52 -29.88 -1.96
C GLU B 57 -7.08 -28.75 -1.08
N ILE B 58 -7.53 -29.08 0.13
CA ILE B 58 -8.10 -28.06 1.02
C ILE B 58 -7.04 -27.02 1.40
N ARG B 59 -5.85 -27.49 1.79
CA ARG B 59 -4.76 -26.56 2.09
C ARG B 59 -4.48 -25.65 0.90
N THR B 60 -4.55 -26.20 -0.32
CA THR B 60 -4.18 -25.40 -1.48
C THR B 60 -5.27 -24.40 -1.82
N VAL B 61 -6.53 -24.83 -1.81
CA VAL B 61 -7.62 -23.90 -2.12
C VAL B 61 -7.68 -22.79 -1.08
N LEU B 62 -7.53 -23.12 0.20
CA LEU B 62 -7.53 -22.10 1.24
C LEU B 62 -6.44 -21.07 1.01
N ASN B 63 -5.24 -21.52 0.64
CA ASN B 63 -4.14 -20.58 0.48
C ASN B 63 -4.37 -19.63 -0.67
N GLY B 64 -5.08 -20.07 -1.71
CA GLY B 64 -5.36 -19.20 -2.83
C GLY B 64 -6.55 -18.28 -2.67
N SER B 65 -7.36 -18.47 -1.63
CA SER B 65 -8.55 -17.67 -1.42
C SER B 65 -8.18 -16.42 -0.65
N ILE B 66 -8.93 -15.34 -0.90
CA ILE B 66 -8.64 -14.06 -0.28
C ILE B 66 -9.84 -13.45 0.43
N CYS B 67 -11.02 -14.06 0.35
CA CYS B 67 -12.21 -13.49 0.96
CA CYS B 67 -12.20 -13.49 0.98
C CYS B 67 -13.14 -14.63 1.33
N GLY B 68 -14.00 -14.37 2.32
CA GLY B 68 -14.88 -15.43 2.81
C GLY B 68 -15.87 -14.90 3.81
N MET B 69 -16.66 -15.80 4.36
CA MET B 69 -17.74 -15.38 5.24
C MET B 69 -17.40 -15.81 6.66
N LEU B 70 -17.31 -14.84 7.55
CA LEU B 70 -16.94 -15.08 8.94
C LEU B 70 -18.19 -15.20 9.80
N SER B 71 -18.32 -16.29 10.54
CA SER B 71 -19.40 -16.42 11.51
C SER B 71 -18.84 -16.18 12.91
N THR B 72 -19.55 -15.38 13.70
CA THR B 72 -19.21 -15.09 15.09
C THR B 72 -20.45 -15.26 15.96
N PHE B 73 -20.23 -15.21 17.27
CA PHE B 73 -21.32 -14.95 18.21
C PHE B 73 -21.60 -13.45 18.20
N SER B 74 -22.85 -13.06 18.03
CA SER B 74 -23.19 -11.64 18.05
C SER B 74 -23.07 -11.09 19.47
N GLN B 75 -22.27 -10.03 19.63
CA GLN B 75 -22.19 -9.36 20.91
C GLN B 75 -23.43 -8.52 21.17
N LYS B 76 -23.95 -7.87 20.13
CA LYS B 76 -25.10 -6.98 20.26
C LYS B 76 -26.42 -7.73 20.35
N TYR B 77 -26.56 -8.87 19.67
CA TYR B 77 -27.80 -9.65 19.68
C TYR B 77 -27.52 -10.97 20.39
N GLU B 78 -27.56 -10.90 21.72
CA GLU B 78 -27.13 -12.00 22.57
C GLU B 78 -27.91 -13.29 22.25
N GLY B 79 -27.18 -14.40 22.15
CA GLY B 79 -27.74 -15.68 21.80
C GLY B 79 -27.77 -16.00 20.32
N TYR B 80 -27.52 -14.98 19.42
CA TYR B 80 -27.55 -15.25 17.99
C TYR B 80 -26.14 -15.31 17.43
N PRO B 81 -25.93 -16.14 16.41
CA PRO B 81 -24.71 -16.01 15.61
C PRO B 81 -24.85 -14.88 14.59
N SER B 82 -23.75 -14.56 13.94
CA SER B 82 -23.75 -13.45 13.00
C SER B 82 -22.73 -13.71 11.92
N GLY B 83 -22.97 -13.18 10.73
CA GLY B 83 -22.08 -13.38 9.61
C GLY B 83 -21.69 -12.06 8.99
N SER B 84 -20.48 -12.03 8.42
CA SER B 84 -20.02 -10.86 7.68
C SER B 84 -19.00 -11.30 6.63
N MET B 85 -18.85 -10.46 5.62
CA MET B 85 -17.83 -10.72 4.60
C MET B 85 -16.51 -10.16 5.08
N VAL B 86 -15.43 -10.96 4.97
CA VAL B 86 -14.11 -10.48 5.35
C VAL B 86 -13.11 -10.88 4.28
N ASP B 87 -12.11 -10.04 4.10
CA ASP B 87 -10.89 -10.34 3.37
C ASP B 87 -9.94 -11.07 4.29
N PHE B 88 -9.10 -11.95 3.72
CA PHE B 88 -8.08 -12.55 4.55
C PHE B 88 -6.90 -13.01 3.70
N ALA B 89 -5.85 -13.48 4.37
CA ALA B 89 -4.75 -14.15 3.70
C ALA B 89 -4.19 -15.20 4.64
N CYS B 90 -3.96 -16.40 4.15
CA CYS B 90 -3.35 -17.42 5.00
C CYS B 90 -1.90 -17.07 5.29
N ASP B 91 -1.46 -17.28 6.53
CA ASP B 91 -0.04 -17.21 6.82
C ASP B 91 0.63 -18.53 6.39
N ALA B 92 1.94 -18.66 6.64
CA ALA B 92 2.68 -19.80 6.11
C ALA B 92 2.15 -21.12 6.66
N ASP B 93 1.55 -21.08 7.84
CA ASP B 93 0.96 -22.25 8.45
C ASP B 93 -0.46 -22.53 7.95
N GLY B 94 -1.01 -21.70 7.08
CA GLY B 94 -2.39 -21.87 6.64
C GLY B 94 -3.43 -21.21 7.52
N SER B 95 -3.03 -20.37 8.47
CA SER B 95 -3.98 -19.73 9.39
C SER B 95 -4.46 -18.42 8.77
N PRO B 96 -5.76 -18.24 8.57
CA PRO B 96 -6.25 -16.99 7.98
C PRO B 96 -5.87 -15.79 8.82
N ILE B 97 -5.34 -14.78 8.14
CA ILE B 97 -5.03 -13.49 8.75
C ILE B 97 -6.12 -12.51 8.36
N LEU B 98 -6.70 -11.84 9.35
CA LEU B 98 -7.69 -10.79 9.14
C LEU B 98 -7.12 -9.43 9.55
N ALA B 99 -7.44 -8.40 8.77
CA ALA B 99 -7.21 -7.01 9.14
C ALA B 99 -8.56 -6.39 9.52
N VAL B 100 -8.77 -6.14 10.80
CA VAL B 100 -10.08 -5.75 11.33
C VAL B 100 -10.02 -4.33 11.89
N SER B 101 -11.08 -3.57 11.64
CA SER B 101 -11.23 -2.24 12.19
C SER B 101 -11.87 -2.36 13.57
N SER B 102 -11.37 -1.59 14.53
CA SER B 102 -11.98 -1.58 15.85
C SER B 102 -13.42 -1.05 15.81
N LEU B 103 -13.82 -0.39 14.71
CA LEU B 103 -15.18 0.10 14.51
C LEU B 103 -16.18 -0.95 14.04
N ALA B 104 -15.73 -2.10 13.57
CA ALA B 104 -16.65 -3.03 12.91
C ALA B 104 -17.36 -3.91 13.93
N VAL B 105 -18.57 -4.33 13.54
CA VAL B 105 -19.38 -5.24 14.38
C VAL B 105 -18.65 -6.56 14.63
N HIS B 106 -18.13 -7.17 13.59
CA HIS B 106 -17.45 -8.45 13.78
C HIS B 106 -16.21 -8.35 14.68
N THR B 107 -15.57 -7.23 14.67
CA THR B 107 -14.44 -7.06 15.57
C THR B 107 -14.87 -7.12 17.03
N LYS B 108 -15.92 -6.37 17.37
CA LYS B 108 -16.46 -6.42 18.72
C LYS B 108 -16.92 -7.82 19.05
N ASP B 109 -17.54 -8.51 18.08
CA ASP B 109 -17.89 -9.90 18.30
C ASP B 109 -16.66 -10.71 18.68
N LEU B 110 -15.59 -10.63 17.88
CA LEU B 110 -14.40 -11.46 18.12
C LEU B 110 -13.73 -11.13 19.44
N LEU B 111 -13.77 -9.87 19.88
CA LEU B 111 -13.15 -9.52 21.16
C LEU B 111 -13.95 -10.04 22.35
N ALA B 112 -15.28 -10.15 22.21
CA ALA B 112 -16.08 -10.72 23.29
C ALA B 112 -16.04 -12.25 23.28
N ASN B 113 -15.89 -12.88 22.11
CA ASN B 113 -15.82 -14.33 22.05
C ASN B 113 -14.97 -14.67 20.83
N PRO B 114 -13.76 -15.22 21.03
CA PRO B 114 -12.86 -15.44 19.89
C PRO B 114 -13.24 -16.63 19.00
N LYS B 115 -14.17 -17.46 19.42
CA LYS B 115 -14.52 -18.66 18.66
C LYS B 115 -15.35 -18.29 17.43
N CYS B 116 -14.89 -18.68 16.25
CA CYS B 116 -15.53 -18.24 15.02
C CYS B 116 -15.36 -19.32 13.95
N SER B 117 -15.87 -19.03 12.77
CA SER B 117 -15.65 -19.90 11.63
C SER B 117 -15.56 -19.04 10.39
N LEU B 118 -14.87 -19.57 9.39
CA LEU B 118 -14.62 -18.90 8.12
C LEU B 118 -15.04 -19.83 6.99
N LEU B 119 -15.95 -19.36 6.16
CA LEU B 119 -16.50 -20.18 5.09
C LEU B 119 -15.93 -19.68 3.77
N ILE B 120 -15.31 -20.58 3.01
CA ILE B 120 -14.67 -20.28 1.74
C ILE B 120 -15.33 -21.11 0.65
N ALA B 121 -15.65 -20.46 -0.46
CA ALA B 121 -16.21 -21.09 -1.63
C ALA B 121 -15.28 -20.89 -2.81
N ARG B 122 -14.68 -21.97 -3.31
CA ARG B 122 -13.78 -21.89 -4.46
C ARG B 122 -14.35 -21.03 -5.58
N ASP B 123 -15.59 -21.31 -6.00
CA ASP B 123 -16.34 -20.42 -6.89
C ASP B 123 -17.58 -19.94 -6.16
N PRO B 124 -17.59 -18.71 -5.65
CA PRO B 124 -18.64 -18.29 -4.71
C PRO B 124 -20.07 -18.43 -5.24
N GLU B 125 -20.28 -18.49 -6.56
CA GLU B 125 -21.62 -18.68 -7.11
C GLU B 125 -21.88 -20.06 -7.69
N ASP B 126 -20.85 -20.90 -7.81
CA ASP B 126 -21.05 -22.30 -8.20
C ASP B 126 -21.75 -23.03 -7.06
N ARG B 127 -23.02 -23.36 -7.27
CA ARG B 127 -23.78 -24.07 -6.24
C ARG B 127 -23.23 -25.47 -5.96
N THR B 128 -22.48 -26.04 -6.91
CA THR B 128 -21.92 -27.38 -6.77
C THR B 128 -20.44 -27.37 -6.41
N GLY B 129 -19.88 -26.22 -6.04
CA GLY B 129 -18.45 -26.11 -5.85
C GLY B 129 -17.96 -26.71 -4.54
N LEU B 130 -16.64 -26.63 -4.36
CA LEU B 130 -16.04 -26.95 -3.07
C LEU B 130 -16.37 -25.84 -2.06
N ARG B 131 -16.75 -26.23 -0.85
CA ARG B 131 -16.99 -25.27 0.23
C ARG B 131 -16.24 -25.73 1.46
N ILE B 132 -15.42 -24.85 2.01
CA ILE B 132 -14.57 -25.17 3.14
C ILE B 132 -14.98 -24.30 4.32
N THR B 133 -15.17 -24.92 5.48
CA THR B 133 -15.42 -24.20 6.72
C THR B 133 -14.26 -24.44 7.68
N LEU B 134 -13.58 -23.38 8.07
CA LEU B 134 -12.51 -23.42 9.04
C LEU B 134 -13.03 -22.86 10.36
N HIS B 135 -13.01 -23.68 11.42
CA HIS B 135 -13.42 -23.24 12.75
C HIS B 135 -12.17 -22.99 13.58
N GLY B 136 -12.18 -21.93 14.37
CA GLY B 136 -11.04 -21.65 15.23
C GLY B 136 -11.26 -20.47 16.15
N ASP B 137 -10.14 -19.93 16.62
CA ASP B 137 -10.13 -18.93 17.67
C ASP B 137 -9.33 -17.74 17.19
N ALA B 138 -9.98 -16.58 17.12
CA ALA B 138 -9.31 -15.39 16.66
C ALA B 138 -8.40 -14.85 17.76
N VAL B 139 -7.13 -14.62 17.44
CA VAL B 139 -6.19 -14.05 18.41
C VAL B 139 -5.47 -12.89 17.75
N LEU B 140 -5.23 -11.85 18.54
CA LEU B 140 -4.46 -10.71 18.07
C LEU B 140 -3.05 -11.14 17.72
N VAL B 141 -2.51 -10.57 16.65
CA VAL B 141 -1.17 -10.95 16.22
C VAL B 141 -0.15 -10.24 17.11
N SER B 142 0.85 -11.00 17.57
CA SER B 142 1.88 -10.44 18.42
C SER B 142 2.72 -9.41 17.66
N GLU B 143 3.45 -8.60 18.42
CA GLU B 143 4.25 -7.55 17.80
C GLU B 143 5.42 -8.13 16.99
N LYS B 144 6.01 -9.21 17.45
CA LYS B 144 7.10 -9.80 16.69
C LYS B 144 6.64 -10.35 15.34
N ASP B 145 5.36 -10.70 15.24
CA ASP B 145 4.80 -11.30 14.04
C ASP B 145 4.22 -10.28 13.07
N GLN B 146 4.16 -9.01 13.46
CA GLN B 146 3.50 -7.98 12.65
C GLN B 146 4.04 -7.96 11.22
N ALA B 147 5.35 -8.15 11.06
CA ALA B 147 5.96 -7.95 9.74
C ALA B 147 5.64 -9.10 8.80
N ALA B 148 5.77 -10.35 9.27
CA ALA B 148 5.41 -11.49 8.44
C ALA B 148 3.93 -11.45 8.08
N VAL B 149 3.09 -11.06 9.04
CA VAL B 149 1.65 -11.04 8.82
C VAL B 149 1.27 -9.95 7.83
N ARG B 150 1.85 -8.76 7.98
CA ARG B 150 1.59 -7.66 7.04
C ARG B 150 1.92 -8.06 5.61
N SER B 151 3.05 -8.76 5.41
CA SER B 151 3.46 -9.12 4.06
C SER B 151 2.59 -10.23 3.49
N ALA B 152 2.22 -11.22 4.32
CA ALA B 152 1.30 -12.25 3.85
C ALA B 152 -0.03 -11.61 3.43
N TYR B 153 -0.52 -10.65 4.21
CA TYR B 153 -1.80 -10.03 3.89
C TYR B 153 -1.71 -9.18 2.64
N LEU B 154 -0.64 -8.38 2.52
CA LEU B 154 -0.52 -7.51 1.35
C LEU B 154 -0.20 -8.30 0.09
N ALA B 155 0.47 -9.45 0.22
CA ALA B 155 0.64 -10.33 -0.93
C ALA B 155 -0.71 -10.68 -1.59
N LYS B 156 -1.77 -10.80 -0.80
CA LYS B 156 -3.10 -11.08 -1.35
C LYS B 156 -3.94 -9.83 -1.54
N HIS B 157 -3.68 -8.75 -0.80
CA HIS B 157 -4.43 -7.50 -0.94
C HIS B 157 -3.45 -6.34 -1.12
N PRO B 158 -2.82 -6.24 -2.31
CA PRO B 158 -1.70 -5.29 -2.49
C PRO B 158 -2.07 -3.83 -2.31
N LYS B 159 -3.35 -3.43 -2.47
CA LYS B 159 -3.73 -2.03 -2.33
C LYS B 159 -4.36 -1.72 -0.98
N ALA B 160 -4.26 -2.61 0.00
CA ALA B 160 -4.89 -2.39 1.31
C ALA B 160 -3.98 -1.54 2.19
N PHE B 161 -3.79 -0.29 1.76
CA PHE B 161 -2.97 0.65 2.54
C PHE B 161 -3.58 0.89 3.92
N TRP B 162 -4.89 0.71 4.07
CA TRP B 162 -5.55 0.99 5.34
C TRP B 162 -5.09 0.09 6.48
N VAL B 163 -4.36 -1.00 6.20
CA VAL B 163 -3.92 -1.87 7.28
C VAL B 163 -2.98 -1.16 8.25
N ASP B 164 -2.44 -0.01 7.86
CA ASP B 164 -1.53 0.76 8.69
C ASP B 164 -2.24 1.73 9.62
N PHE B 165 -3.50 2.10 9.30
CA PHE B 165 -4.31 2.97 10.15
C PHE B 165 -4.34 2.48 11.58
N GLY B 166 -4.54 3.41 12.51
CA GLY B 166 -4.49 3.06 13.92
C GLY B 166 -5.64 2.17 14.35
N ASP B 167 -6.81 2.37 13.77
CA ASP B 167 -7.96 1.57 14.19
C ASP B 167 -7.97 0.18 13.58
N PHE B 168 -6.97 -0.20 12.77
CA PHE B 168 -6.85 -1.53 12.21
C PHE B 168 -5.82 -2.37 12.96
N SER B 169 -6.15 -3.63 13.19
CA SER B 169 -5.23 -4.60 13.75
C SER B 169 -5.33 -5.90 12.96
N PHE B 170 -4.26 -6.69 12.98
CA PHE B 170 -4.27 -8.02 12.40
C PHE B 170 -4.69 -9.04 13.44
N MET B 171 -5.61 -9.93 13.06
CA MET B 171 -5.93 -11.05 13.91
C MET B 171 -5.73 -12.32 13.11
N ARG B 172 -5.39 -13.38 13.81
CA ARG B 172 -5.17 -14.68 13.21
C ARG B 172 -6.20 -15.65 13.75
N ILE B 173 -6.81 -16.44 12.87
CA ILE B 173 -7.71 -17.50 13.29
C ILE B 173 -6.91 -18.79 13.42
N GLU B 174 -6.64 -19.22 14.63
CA GLU B 174 -5.90 -20.46 14.84
C GLU B 174 -6.84 -21.63 14.66
N PRO B 175 -6.63 -22.49 13.68
CA PRO B 175 -7.63 -23.51 13.38
C PRO B 175 -7.77 -24.54 14.49
N LYS B 176 -9.02 -24.96 14.71
CA LYS B 176 -9.32 -26.16 15.49
C LYS B 176 -9.59 -27.34 14.58
N VAL B 177 -10.44 -27.13 13.57
CA VAL B 177 -10.85 -28.17 12.64
C VAL B 177 -11.23 -27.49 11.33
N VAL B 178 -10.91 -28.16 10.23
CA VAL B 178 -11.26 -27.70 8.89
C VAL B 178 -12.15 -28.76 8.25
N ARG B 179 -13.37 -28.36 7.88
CA ARG B 179 -14.35 -29.26 7.27
C ARG B 179 -14.62 -28.82 5.84
N TYR B 180 -14.94 -29.76 4.96
CA TYR B 180 -15.29 -29.40 3.61
C TYR B 180 -16.47 -30.22 3.12
N VAL B 181 -17.16 -29.69 2.12
CA VAL B 181 -18.18 -30.41 1.37
C VAL B 181 -18.07 -30.00 -0.09
N SER B 182 -18.27 -30.93 -1.02
CA SER B 182 -18.18 -30.56 -2.42
C SER B 182 -19.25 -31.28 -3.24
N GLY B 183 -19.65 -30.63 -4.33
CA GLY B 183 -20.57 -31.24 -5.27
C GLY B 183 -21.97 -31.36 -4.72
N VAL B 184 -22.45 -30.33 -4.01
CA VAL B 184 -23.80 -30.36 -3.51
C VAL B 184 -24.76 -30.26 -4.69
N ALA B 185 -25.81 -31.08 -4.66
CA ALA B 185 -26.82 -31.20 -5.72
C ALA B 185 -26.28 -31.89 -6.97
N THR B 186 -25.37 -32.85 -6.79
CA THR B 186 -24.84 -33.64 -7.91
C THR B 186 -24.65 -35.08 -7.44
N ALA B 187 -24.35 -35.96 -8.38
CA ALA B 187 -24.05 -37.34 -8.04
C ALA B 187 -22.76 -37.45 -7.24
N PHE B 188 -21.78 -36.57 -7.53
CA PHE B 188 -20.47 -36.62 -6.90
C PHE B 188 -20.46 -35.72 -5.68
N LEU B 189 -20.57 -36.32 -4.50
CA LEU B 189 -20.52 -35.59 -3.24
C LEU B 189 -19.36 -36.11 -2.40
N GLY B 190 -18.52 -35.19 -1.94
CA GLY B 190 -17.43 -35.53 -1.05
C GLY B 190 -17.47 -34.64 0.17
N SER B 191 -17.00 -35.20 1.29
CA SER B 191 -16.99 -34.46 2.55
C SER B 191 -15.99 -35.09 3.49
N GLY B 192 -15.58 -34.31 4.49
CA GLY B 192 -14.64 -34.78 5.47
C GLY B 192 -14.10 -33.63 6.28
N GLU B 193 -13.23 -33.97 7.23
CA GLU B 193 -12.68 -32.95 8.09
C GLU B 193 -11.24 -33.29 8.44
N PHE B 194 -10.49 -32.27 8.79
CA PHE B 194 -9.09 -32.40 9.15
C PHE B 194 -8.85 -31.68 10.46
N SER B 195 -8.06 -32.32 11.31
CA SER B 195 -7.60 -31.70 12.54
C SER B 195 -6.63 -30.59 12.21
N LYS B 196 -6.34 -29.78 13.24
CA LYS B 196 -5.33 -28.73 13.13
C LYS B 196 -3.99 -29.29 12.65
N GLU B 197 -3.56 -30.42 13.24
CA GLU B 197 -2.28 -31.02 12.90
C GLU B 197 -2.27 -31.52 11.45
N GLU B 198 -3.34 -32.21 11.03
CA GLU B 198 -3.40 -32.68 9.64
C GLU B 198 -3.33 -31.51 8.67
N TYR B 199 -4.13 -30.46 8.91
CA TYR B 199 -4.16 -29.34 7.98
C TYR B 199 -2.82 -28.62 7.92
N GLN B 200 -2.22 -28.33 9.07
CA GLN B 200 -0.97 -27.57 9.07
C GLN B 200 0.17 -28.35 8.44
N ALA B 201 0.17 -29.69 8.56
CA ALA B 201 1.26 -30.49 8.02
C ALA B 201 1.23 -30.59 6.50
N ALA B 202 0.08 -30.34 5.87
CA ALA B 202 -0.02 -30.44 4.42
C ALA B 202 0.70 -29.27 3.76
N LYS B 203 1.25 -29.53 2.58
CA LYS B 203 1.94 -28.50 1.82
C LYS B 203 1.00 -27.89 0.80
N VAL B 204 1.12 -26.58 0.60
CA VAL B 204 0.43 -25.94 -0.52
C VAL B 204 1.06 -26.40 -1.83
N ASP B 205 0.23 -26.78 -2.79
CA ASP B 205 0.74 -27.20 -4.10
C ASP B 205 1.43 -26.03 -4.79
N PRO B 206 2.71 -26.16 -5.20
CA PRO B 206 3.44 -25.00 -5.74
C PRO B 206 3.00 -24.55 -7.14
N ILE B 207 2.14 -25.29 -7.82
CA ILE B 207 1.74 -24.93 -9.17
C ILE B 207 0.44 -24.13 -9.21
N ALA B 208 -0.40 -24.22 -8.17
CA ALA B 208 -1.70 -23.58 -8.18
C ALA B 208 -1.60 -22.07 -8.33
N GLN B 209 -0.52 -21.45 -7.83
CA GLN B 209 -0.37 -20.00 -7.95
C GLN B 209 -0.44 -19.51 -9.39
N TYR B 210 -0.07 -20.37 -10.35
CA TYR B 210 -0.12 -19.98 -11.76
C TYR B 210 -1.48 -20.23 -12.37
N ALA B 211 -2.49 -20.54 -11.55
CA ALA B 211 -3.78 -20.95 -12.09
C ALA B 211 -4.42 -19.85 -12.93
N LYS B 212 -4.50 -18.63 -12.39
CA LYS B 212 -5.22 -17.55 -13.07
C LYS B 212 -4.68 -17.30 -14.49
N PRO B 213 -3.39 -16.97 -14.68
CA PRO B 213 -2.95 -16.68 -16.06
C PRO B 213 -3.15 -17.85 -17.01
N VAL B 214 -2.86 -19.08 -16.58
CA VAL B 214 -2.96 -20.22 -17.50
C VAL B 214 -4.41 -20.45 -17.90
N THR B 215 -5.33 -20.46 -16.93
CA THR B 215 -6.72 -20.74 -17.26
C THR B 215 -7.33 -19.65 -18.14
N SER B 216 -6.97 -18.39 -17.89
CA SER B 216 -7.51 -17.30 -18.70
C SER B 216 -7.05 -17.41 -20.15
N HIS B 217 -5.73 -17.41 -20.35
CA HIS B 217 -5.17 -17.49 -21.70
C HIS B 217 -5.70 -18.70 -22.45
N MET B 218 -6.06 -19.77 -21.75
CA MET B 218 -6.56 -20.96 -22.42
C MET B 218 -8.06 -20.87 -22.71
N ASN B 219 -8.81 -20.22 -21.82
CA ASN B 219 -10.26 -20.18 -21.99
C ASN B 219 -10.68 -19.19 -23.07
N LYS B 220 -9.88 -18.15 -23.31
CA LYS B 220 -10.24 -17.11 -24.25
C LYS B 220 -9.60 -17.28 -25.62
N ASP B 221 -8.49 -18.00 -25.71
CA ASP B 221 -7.76 -18.11 -26.98
C ASP B 221 -7.61 -19.52 -27.51
N HIS B 222 -7.85 -20.56 -26.71
CA HIS B 222 -7.55 -21.94 -27.11
C HIS B 222 -8.61 -22.91 -26.59
N GLU B 223 -9.83 -22.41 -26.37
CA GLU B 223 -10.94 -23.23 -25.90
C GLU B 223 -11.16 -24.46 -26.78
N GLU B 224 -10.75 -24.41 -28.05
CA GLU B 224 -10.86 -25.58 -28.90
C GLU B 224 -9.83 -26.65 -28.54
N ASP B 225 -8.66 -26.23 -28.06
CA ASP B 225 -7.65 -27.20 -27.62
C ASP B 225 -8.11 -27.94 -26.38
N THR B 226 -8.73 -27.22 -25.44
CA THR B 226 -9.20 -27.85 -24.20
C THR B 226 -10.18 -28.97 -24.47
N LYS B 227 -11.14 -28.75 -25.37
CA LYS B 227 -12.14 -29.79 -25.60
C LYS B 227 -11.54 -31.02 -26.27
N ALA B 228 -10.58 -30.83 -27.18
CA ALA B 228 -9.93 -31.98 -27.81
C ALA B 228 -9.19 -32.82 -26.78
N ILE B 229 -8.46 -32.15 -25.88
CA ILE B 229 -7.74 -32.83 -24.81
C ILE B 229 -8.71 -33.58 -23.92
N VAL B 230 -9.80 -32.92 -23.52
CA VAL B 230 -10.82 -33.59 -22.70
C VAL B 230 -11.43 -34.75 -23.46
N HIS B 231 -11.77 -34.51 -24.73
CA HIS B 231 -12.33 -35.57 -25.57
C HIS B 231 -11.41 -36.77 -25.64
N ASN B 232 -10.12 -36.52 -25.81
CA ASN B 232 -9.15 -37.60 -25.95
C ASN B 232 -9.10 -38.48 -24.70
N ILE B 233 -9.04 -37.84 -23.51
CA ILE B 233 -8.69 -38.57 -22.29
C ILE B 233 -9.88 -39.12 -21.52
N THR B 234 -11.08 -38.64 -21.78
CA THR B 234 -12.25 -39.19 -21.13
C THR B 234 -13.16 -39.87 -22.15
N SER B 235 -12.83 -39.78 -23.44
CA SER B 235 -13.61 -40.34 -24.53
C SER B 235 -15.00 -39.72 -24.62
N ILE B 236 -15.21 -38.57 -23.99
CA ILE B 236 -16.50 -37.88 -24.02
C ILE B 236 -16.43 -36.79 -25.07
N PRO B 237 -17.33 -36.75 -26.06
CA PRO B 237 -17.43 -35.62 -26.98
C PRO B 237 -18.10 -34.44 -26.29
N VAL B 238 -17.32 -33.42 -25.99
CA VAL B 238 -17.77 -32.30 -25.17
C VAL B 238 -18.07 -31.11 -26.07
N GLU B 239 -19.27 -30.55 -25.92
CA GLU B 239 -19.61 -29.31 -26.63
C GLU B 239 -18.70 -28.17 -26.22
N SER B 240 -18.38 -28.05 -24.93
CA SER B 240 -17.50 -27.01 -24.43
C SER B 240 -16.69 -27.53 -23.26
N ALA B 241 -15.61 -26.80 -22.95
CA ALA B 241 -14.76 -27.16 -21.81
C ALA B 241 -14.00 -25.91 -21.36
N LEU B 242 -14.30 -25.44 -20.15
CA LEU B 242 -13.66 -24.26 -19.59
C LEU B 242 -12.78 -24.69 -18.42
N MET B 243 -11.51 -24.28 -18.45
CA MET B 243 -10.60 -24.60 -17.37
C MET B 243 -11.02 -23.88 -16.10
N LEU B 244 -11.05 -24.59 -14.98
CA LEU B 244 -11.45 -23.98 -13.73
C LEU B 244 -10.23 -23.60 -12.92
N ASP B 245 -9.50 -24.61 -12.43
CA ASP B 245 -8.30 -24.37 -11.66
C ASP B 245 -7.23 -25.35 -12.12
N LEU B 246 -6.05 -25.22 -11.52
CA LEU B 246 -4.87 -25.93 -11.98
C LEU B 246 -4.00 -26.27 -10.79
N ASP B 247 -3.39 -27.45 -10.82
CA ASP B 247 -2.42 -27.83 -9.80
C ASP B 247 -1.31 -28.62 -10.49
N SER B 248 -0.36 -29.12 -9.69
CA SER B 248 0.80 -29.80 -10.27
C SER B 248 0.44 -31.11 -10.95
N LEU B 249 -0.69 -31.71 -10.61
CA LEU B 249 -1.11 -32.97 -11.19
C LEU B 249 -2.09 -32.84 -12.34
N GLY B 250 -2.53 -31.65 -12.68
CA GLY B 250 -3.50 -31.51 -13.75
C GLY B 250 -4.39 -30.30 -13.50
N PHE B 251 -5.50 -30.26 -14.24
CA PHE B 251 -6.44 -29.17 -14.14
C PHE B 251 -7.87 -29.70 -14.19
N ASN B 252 -8.81 -28.88 -13.72
CA ASN B 252 -10.23 -29.19 -13.72
C ASN B 252 -10.94 -28.35 -14.77
N VAL B 253 -12.02 -28.89 -15.33
CA VAL B 253 -12.81 -28.18 -16.32
C VAL B 253 -14.31 -28.34 -16.05
N LYS B 254 -15.07 -27.32 -16.46
CA LYS B 254 -16.52 -27.38 -16.55
C LYS B 254 -16.89 -27.71 -17.99
N ALA B 255 -17.61 -28.82 -18.19
CA ALA B 255 -17.91 -29.32 -19.53
C ALA B 255 -19.41 -29.47 -19.71
N THR B 256 -19.86 -29.28 -20.94
CA THR B 256 -21.27 -29.30 -21.28
C THR B 256 -21.53 -30.33 -22.36
N LEU B 257 -22.57 -31.13 -22.17
CA LEU B 257 -23.04 -32.03 -23.23
C LEU B 257 -24.55 -32.18 -23.09
N GLN B 258 -25.25 -31.89 -24.18
CA GLN B 258 -26.73 -31.86 -24.19
C GLN B 258 -27.16 -30.79 -23.18
N GLY B 259 -28.18 -31.04 -22.37
CA GLY B 259 -28.54 -30.10 -21.33
C GLY B 259 -27.93 -30.48 -20.00
N ASN B 260 -26.66 -30.89 -20.03
CA ASN B 260 -25.97 -31.33 -18.83
C ASN B 260 -24.62 -30.65 -18.76
N THR B 261 -24.32 -30.12 -17.58
CA THR B 261 -23.04 -29.49 -17.29
C THR B 261 -22.42 -30.19 -16.09
N PHE B 262 -21.12 -30.45 -16.16
CA PHE B 262 -20.46 -31.25 -15.14
C PHE B 262 -18.97 -30.97 -15.17
N LYS B 263 -18.28 -31.39 -14.10
CA LYS B 263 -16.85 -31.13 -13.96
C LYS B 263 -16.03 -32.37 -14.27
N LEU B 264 -14.88 -32.16 -14.90
CA LEU B 264 -13.99 -33.24 -15.28
C LEU B 264 -12.57 -32.93 -14.84
N ARG B 265 -11.93 -33.94 -14.29
CA ARG B 265 -10.54 -33.88 -13.89
C ARG B 265 -9.66 -34.32 -15.06
N VAL B 266 -8.71 -33.49 -15.44
CA VAL B 266 -7.79 -33.76 -16.53
C VAL B 266 -6.38 -33.86 -15.96
N PRO B 267 -5.91 -35.06 -15.66
CA PRO B 267 -4.57 -35.19 -15.10
C PRO B 267 -3.49 -35.05 -16.17
N PHE B 268 -2.37 -34.46 -15.80
CA PHE B 268 -1.20 -34.44 -16.66
C PHE B 268 -0.60 -35.84 -16.74
N PRO B 269 0.10 -36.18 -17.84
CA PRO B 269 0.82 -37.46 -17.87
C PRO B 269 1.91 -37.57 -16.82
N ARG B 270 2.34 -36.46 -16.24
CA ARG B 270 3.28 -36.47 -15.14
C ARG B 270 3.16 -35.14 -14.41
N ARG B 271 3.72 -35.07 -13.20
CA ARG B 271 3.62 -33.86 -12.34
C ARG B 271 4.40 -32.68 -12.95
N ALA B 272 3.74 -31.53 -13.07
CA ALA B 272 4.36 -30.31 -13.58
C ALA B 272 5.29 -29.74 -12.52
N GLN B 273 6.47 -29.30 -12.97
CA GLN B 273 7.51 -28.86 -12.07
C GLN B 273 7.60 -27.34 -11.95
N ASP B 274 7.05 -26.58 -12.89
CA ASP B 274 7.04 -25.11 -12.82
C ASP B 274 6.08 -24.57 -13.87
N ARG B 275 6.04 -23.26 -14.00
CA ARG B 275 5.04 -22.62 -14.85
C ARG B 275 5.21 -23.02 -16.31
N LYS B 276 6.44 -22.90 -16.83
CA LYS B 276 6.68 -23.27 -18.22
C LYS B 276 6.39 -24.74 -18.45
N ASP B 277 6.69 -25.57 -17.46
CA ASP B 277 6.38 -27.00 -17.56
C ASP B 277 4.87 -27.24 -17.74
N VAL B 278 4.03 -26.40 -17.13
CA VAL B 278 2.59 -26.53 -17.34
C VAL B 278 2.24 -26.32 -18.80
N LYS B 279 2.84 -25.30 -19.40
CA LYS B 279 2.65 -25.01 -20.81
C LYS B 279 3.11 -26.16 -21.69
N THR B 280 4.31 -26.68 -21.42
CA THR B 280 4.83 -27.83 -22.20
C THR B 280 3.91 -29.03 -22.12
N LEU B 281 3.40 -29.34 -20.92
CA LEU B 281 2.57 -30.51 -20.76
C LEU B 281 1.27 -30.39 -21.52
N ILE B 282 0.72 -29.18 -21.62
CA ILE B 282 -0.54 -29.01 -22.33
C ILE B 282 -0.31 -29.18 -23.83
N VAL B 283 0.83 -28.68 -24.32
CA VAL B 283 1.22 -28.89 -25.72
C VAL B 283 1.35 -30.39 -26.02
N GLU B 284 2.07 -31.12 -25.16
CA GLU B 284 2.20 -32.55 -25.37
C GLU B 284 0.84 -33.25 -25.35
N MET B 285 -0.03 -32.86 -24.42
CA MET B 285 -1.36 -33.47 -24.35
C MET B 285 -2.21 -33.09 -25.57
N LEU B 286 -1.99 -31.90 -26.11
CA LEU B 286 -2.68 -31.53 -27.34
C LEU B 286 -2.16 -32.36 -28.51
N GLN B 287 -0.83 -32.40 -28.67
CA GLN B 287 -0.18 -33.23 -29.68
C GLN B 287 -0.71 -34.67 -29.66
N ALA B 288 -0.81 -35.25 -28.45
CA ALA B 288 -1.32 -36.61 -28.31
C ALA B 288 -2.74 -36.76 -28.83
N ALA B 289 -3.57 -35.72 -28.68
CA ALA B 289 -4.95 -35.83 -29.16
C ALA B 289 -5.02 -35.82 -30.68
N LYS B 290 -4.06 -35.16 -31.33
CA LYS B 290 -3.89 -35.24 -32.78
C LYS B 290 -3.13 -36.53 -33.14
N SER B 291 -3.78 -37.66 -32.89
CA SER B 291 -3.23 -38.97 -33.20
C SER B 291 -4.30 -40.06 -33.09
N THR C 36 -8.78 14.45 10.17
CA THR C 36 -10.21 14.45 9.90
C THR C 36 -10.78 15.86 10.05
N ASP C 37 -11.37 16.12 11.22
CA ASP C 37 -11.88 17.46 11.52
C ASP C 37 -10.77 18.45 11.81
N VAL C 38 -9.61 17.97 12.28
CA VAL C 38 -8.52 18.86 12.65
C VAL C 38 -7.57 19.17 11.49
N PHE C 39 -7.45 18.28 10.50
CA PHE C 39 -6.58 18.54 9.36
C PHE C 39 -7.13 19.65 8.46
N LYS C 40 -8.34 20.14 8.72
CA LYS C 40 -8.81 21.39 8.15
C LYS C 40 -8.75 22.55 9.15
N LEU C 41 -8.75 22.25 10.45
CA LEU C 41 -8.53 23.30 11.43
C LEU C 41 -7.11 23.83 11.34
N ILE C 42 -6.16 22.95 11.08
CA ILE C 42 -4.77 23.35 10.88
C ILE C 42 -4.66 24.27 9.67
N GLN C 43 -5.27 23.86 8.54
CA GLN C 43 -5.14 24.60 7.29
C GLN C 43 -5.63 26.03 7.43
N ALA C 44 -6.74 26.24 8.13
CA ALA C 44 -7.24 27.61 8.31
C ALA C 44 -6.26 28.44 9.13
N HIS C 45 -5.63 27.84 10.12
CA HIS C 45 -4.65 28.58 10.91
C HIS C 45 -3.40 28.88 10.10
N GLU C 46 -2.91 27.90 9.33
CA GLU C 46 -1.70 28.12 8.55
C GLU C 46 -1.92 29.23 7.52
N GLU C 47 -3.12 29.31 6.96
CA GLU C 47 -3.38 30.34 5.96
C GLU C 47 -3.35 31.73 6.57
N LYS C 48 -3.61 31.86 7.86
CA LYS C 48 -3.72 33.15 8.51
C LYS C 48 -2.45 33.62 9.20
N ALA C 49 -1.60 32.71 9.68
CA ALA C 49 -0.54 33.11 10.60
C ALA C 49 0.51 33.97 9.93
N ALA C 50 0.89 35.05 10.61
CA ALA C 50 1.94 35.95 10.12
C ALA C 50 3.25 35.21 9.88
N ARG C 51 3.86 35.47 8.72
CA ARG C 51 5.11 34.84 8.33
C ARG C 51 5.85 35.75 7.35
N LEU C 52 7.14 35.48 7.18
CA LEU C 52 7.91 36.22 6.18
C LEU C 52 7.29 36.02 4.80
N SER C 53 7.40 37.04 3.95
CA SER C 53 7.01 36.86 2.55
C SER C 53 7.81 35.71 1.93
N PRO C 54 7.31 35.11 0.85
CA PRO C 54 8.07 34.01 0.21
C PRO C 54 9.52 34.37 -0.13
N VAL C 55 9.78 35.50 -0.81
CA VAL C 55 11.15 35.80 -1.21
C VAL C 55 12.04 36.03 0.01
N GLU C 56 11.50 36.64 1.08
CA GLU C 56 12.27 36.88 2.29
C GLU C 56 12.58 35.57 3.00
N GLU C 57 11.62 34.65 2.99
CA GLU C 57 11.85 33.33 3.55
C GLU C 57 12.96 32.60 2.82
N ILE C 58 12.90 32.55 1.49
CA ILE C 58 13.93 31.82 0.73
C ILE C 58 15.28 32.49 0.92
N ARG C 59 15.33 33.81 0.86
CA ARG C 59 16.58 34.52 1.09
C ARG C 59 17.15 34.20 2.45
N THR C 60 16.29 34.08 3.47
CA THR C 60 16.75 33.86 4.83
C THR C 60 17.23 32.44 5.01
N VAL C 61 16.47 31.48 4.50
CA VAL C 61 16.88 30.08 4.62
C VAL C 61 18.18 29.83 3.88
N LEU C 62 18.29 30.35 2.65
CA LEU C 62 19.54 30.20 1.90
C LEU C 62 20.71 30.75 2.69
N ASN C 63 20.54 31.92 3.30
CA ASN C 63 21.65 32.53 4.03
C ASN C 63 22.07 31.72 5.24
N GLY C 64 21.13 31.02 5.89
CA GLY C 64 21.49 30.21 7.03
C GLY C 64 22.04 28.84 6.68
N SER C 65 21.95 28.44 5.42
CA SER C 65 22.42 27.12 5.03
C SER C 65 23.89 27.15 4.68
N ILE C 66 24.58 26.03 4.94
CA ILE C 66 26.02 25.95 4.76
C ILE C 66 26.46 24.74 3.94
N CYS C 67 25.53 23.92 3.45
CA CYS C 67 25.87 22.74 2.67
CA CYS C 67 25.88 22.79 2.62
C CYS C 67 24.65 22.40 1.82
N GLY C 68 24.90 21.84 0.64
CA GLY C 68 23.84 21.52 -0.30
C GLY C 68 24.37 20.58 -1.35
N MET C 69 23.52 20.28 -2.33
CA MET C 69 23.83 19.32 -3.37
C MET C 69 23.97 20.07 -4.69
N LEU C 70 25.14 19.97 -5.30
CA LEU C 70 25.47 20.70 -6.52
C LEU C 70 25.26 19.82 -7.75
N SER C 71 24.46 20.31 -8.71
CA SER C 71 24.30 19.63 -10.00
C SER C 71 25.15 20.36 -11.04
N THR C 72 25.91 19.58 -11.81
CA THR C 72 26.73 20.08 -12.89
C THR C 72 26.49 19.25 -14.15
N PHE C 73 27.00 19.72 -15.28
CA PHE C 73 27.17 18.89 -16.46
C PHE C 73 28.44 18.09 -16.25
N SER C 74 28.39 16.79 -16.47
CA SER C 74 29.59 15.97 -16.32
C SER C 74 30.57 16.28 -17.46
N GLN C 75 31.79 16.69 -17.11
CA GLN C 75 32.82 16.91 -18.10
C GLN C 75 33.33 15.57 -18.65
N LYS C 76 33.43 14.56 -17.79
CA LYS C 76 33.94 13.25 -18.20
C LYS C 76 32.89 12.39 -18.93
N TYR C 77 31.60 12.47 -18.54
CA TYR C 77 30.59 11.62 -19.15
C TYR C 77 29.64 12.49 -19.97
N GLU C 78 30.02 12.72 -21.21
CA GLU C 78 29.35 13.66 -22.11
C GLU C 78 27.87 13.34 -22.22
N GLY C 79 27.04 14.40 -22.12
CA GLY C 79 25.60 14.25 -22.16
C GLY C 79 24.94 13.99 -20.81
N TYR C 80 25.72 13.69 -19.76
CA TYR C 80 25.08 13.42 -18.49
C TYR C 80 25.27 14.57 -17.50
N PRO C 81 24.28 14.80 -16.65
CA PRO C 81 24.48 15.66 -15.48
C PRO C 81 25.23 14.88 -14.39
N SER C 82 25.58 15.60 -13.33
CA SER C 82 26.33 14.99 -12.24
C SER C 82 25.98 15.73 -10.96
N GLY C 83 26.09 15.04 -9.82
CA GLY C 83 25.78 15.64 -8.54
C GLY C 83 26.91 15.46 -7.55
N SER C 84 27.00 16.40 -6.61
CA SER C 84 27.98 16.23 -5.53
C SER C 84 27.54 17.04 -4.34
N MET C 85 28.06 16.69 -3.16
CA MET C 85 27.82 17.44 -1.93
C MET C 85 28.86 18.54 -1.84
N VAL C 86 28.44 19.77 -1.54
CA VAL C 86 29.38 20.88 -1.38
C VAL C 86 29.00 21.69 -0.14
N ASP C 87 30.02 22.20 0.54
CA ASP C 87 29.86 23.27 1.51
C ASP C 87 29.78 24.59 0.76
N PHE C 88 29.05 25.56 1.33
CA PHE C 88 29.04 26.89 0.73
C PHE C 88 28.68 27.95 1.79
N ALA C 89 28.74 29.22 1.37
CA ALA C 89 28.27 30.31 2.23
C ALA C 89 27.78 31.46 1.34
N CYS C 90 26.60 31.99 1.62
CA CYS C 90 26.11 33.10 0.82
C CYS C 90 26.97 34.33 1.06
N ASP C 91 27.29 35.07 -0.01
CA ASP C 91 27.86 36.40 0.18
C ASP C 91 26.74 37.39 0.52
N ALA C 92 27.09 38.67 0.66
CA ALA C 92 26.10 39.64 1.14
C ALA C 92 24.93 39.77 0.19
N ASP C 93 25.16 39.53 -1.09
CA ASP C 93 24.07 39.59 -2.07
C ASP C 93 23.27 38.30 -2.13
N GLY C 94 23.62 37.28 -1.34
CA GLY C 94 22.95 35.99 -1.42
C GLY C 94 23.53 35.00 -2.42
N SER C 95 24.68 35.28 -3.02
CA SER C 95 25.27 34.38 -4.01
C SER C 95 26.12 33.35 -3.30
N PRO C 96 25.87 32.05 -3.48
CA PRO C 96 26.68 31.02 -2.80
C PRO C 96 28.15 31.07 -3.19
N ILE C 97 29.02 31.00 -2.17
CA ILE C 97 30.46 30.91 -2.38
C ILE C 97 30.89 29.46 -2.13
N LEU C 98 31.62 28.88 -3.08
CA LEU C 98 32.20 27.55 -2.96
C LEU C 98 33.72 27.68 -2.83
N ALA C 99 34.31 26.82 -2.02
CA ALA C 99 35.75 26.62 -1.97
C ALA C 99 36.03 25.24 -2.57
N VAL C 100 36.55 25.21 -3.79
CA VAL C 100 36.65 23.97 -4.54
C VAL C 100 38.10 23.64 -4.80
N SER C 101 38.41 22.35 -4.72
CA SER C 101 39.74 21.86 -5.03
C SER C 101 39.86 21.63 -6.52
N SER C 102 41.00 22.05 -7.08
CA SER C 102 41.28 21.78 -8.49
C SER C 102 41.34 20.28 -8.77
N LEU C 103 41.48 19.46 -7.73
CA LEU C 103 41.46 18.02 -7.83
C LEU C 103 40.04 17.44 -7.96
N ALA C 104 38.99 18.21 -7.64
CA ALA C 104 37.67 17.59 -7.54
C ALA C 104 37.02 17.49 -8.91
N VAL C 105 36.22 16.44 -9.06
CA VAL C 105 35.47 16.23 -10.31
C VAL C 105 34.53 17.39 -10.59
N HIS C 106 33.81 17.88 -9.55
CA HIS C 106 32.85 18.97 -9.78
C HIS C 106 33.56 20.27 -10.14
N THR C 107 34.80 20.46 -9.68
CA THR C 107 35.57 21.62 -10.11
C THR C 107 35.85 21.58 -11.61
N LYS C 108 36.32 20.43 -12.11
CA LYS C 108 36.54 20.30 -13.55
C LYS C 108 35.24 20.47 -14.32
N ASP C 109 34.12 19.95 -13.77
CA ASP C 109 32.81 20.19 -14.37
C ASP C 109 32.53 21.68 -14.45
N LEU C 110 32.68 22.41 -13.33
CA LEU C 110 32.34 23.85 -13.30
C LEU C 110 33.25 24.67 -14.23
N LEU C 111 34.51 24.28 -14.38
CA LEU C 111 35.39 25.01 -15.29
C LEU C 111 35.02 24.75 -16.74
N ALA C 112 34.48 23.56 -17.05
CA ALA C 112 34.10 23.24 -18.43
C ALA C 112 32.74 23.80 -18.77
N ASN C 113 31.85 23.90 -17.81
CA ASN C 113 30.54 24.47 -18.05
C ASN C 113 30.10 25.10 -16.74
N PRO C 114 30.02 26.44 -16.67
CA PRO C 114 29.71 27.11 -15.40
C PRO C 114 28.26 27.00 -14.97
N LYS C 115 27.37 26.53 -15.83
CA LYS C 115 25.95 26.46 -15.54
C LYS C 115 25.68 25.29 -14.60
N CYS C 116 25.07 25.59 -13.47
CA CYS C 116 24.90 24.59 -12.41
C CYS C 116 23.62 24.91 -11.62
N SER C 117 23.35 24.10 -10.60
CA SER C 117 22.27 24.40 -9.68
C SER C 117 22.67 23.89 -8.31
N LEU C 118 22.10 24.50 -7.27
CA LEU C 118 22.44 24.18 -5.90
C LEU C 118 21.15 23.89 -5.17
N LEU C 119 21.03 22.69 -4.62
CA LEU C 119 19.80 22.24 -3.99
C LEU C 119 20.04 22.25 -2.48
N ILE C 120 19.18 22.95 -1.75
CA ILE C 120 19.29 23.11 -0.30
C ILE C 120 18.01 22.60 0.34
N ALA C 121 18.16 21.81 1.41
CA ALA C 121 17.06 21.34 2.24
C ALA C 121 17.30 21.84 3.66
N ARG C 122 16.42 22.74 4.13
CA ARG C 122 16.52 23.32 5.46
C ARG C 122 16.74 22.26 6.54
N ASP C 123 15.90 21.23 6.54
CA ASP C 123 16.14 20.03 7.35
C ASP C 123 16.31 18.88 6.38
N PRO C 124 17.54 18.49 6.05
CA PRO C 124 17.77 17.60 4.89
C PRO C 124 17.03 16.27 4.94
N GLU C 125 16.55 15.80 6.10
CA GLU C 125 15.83 14.54 6.16
C GLU C 125 14.32 14.68 6.40
N ASP C 126 13.82 15.87 6.68
CA ASP C 126 12.38 16.06 6.67
C ASP C 126 11.89 16.00 5.22
N ARG C 127 11.26 14.89 4.84
CA ARG C 127 10.82 14.72 3.45
C ARG C 127 9.78 15.76 3.03
N THR C 128 9.10 16.38 3.99
CA THR C 128 8.06 17.37 3.69
C THR C 128 8.58 18.80 3.80
N GLY C 129 9.89 18.97 3.94
CA GLY C 129 10.46 20.26 4.23
C GLY C 129 10.51 21.16 3.01
N LEU C 130 11.00 22.38 3.25
CA LEU C 130 11.27 23.32 2.19
C LEU C 130 12.49 22.87 1.38
N ARG C 131 12.38 22.92 0.06
CA ARG C 131 13.49 22.59 -0.83
C ARG C 131 13.70 23.73 -1.80
N ILE C 132 14.92 24.27 -1.83
CA ILE C 132 15.26 25.43 -2.63
C ILE C 132 16.30 25.01 -3.66
N THR C 133 16.06 25.35 -4.93
CA THR C 133 17.02 25.13 -6.00
C THR C 133 17.44 26.48 -6.60
N LEU C 134 18.71 26.83 -6.44
CA LEU C 134 19.28 28.03 -7.02
C LEU C 134 20.07 27.62 -8.26
N HIS C 135 19.67 28.13 -9.42
CA HIS C 135 20.33 27.88 -10.70
C HIS C 135 21.18 29.09 -11.07
N GLY C 136 22.39 28.88 -11.58
CA GLY C 136 23.23 29.99 -11.93
C GLY C 136 24.53 29.57 -12.58
N ASP C 137 25.48 30.50 -12.57
CA ASP C 137 26.72 30.37 -13.32
C ASP C 137 27.87 30.52 -12.35
N ALA C 138 28.69 29.47 -12.23
CA ALA C 138 29.82 29.50 -11.33
C ALA C 138 30.94 30.31 -11.96
N VAL C 139 31.43 31.34 -11.26
CA VAL C 139 32.50 32.19 -11.78
C VAL C 139 33.62 32.23 -10.76
N LEU C 140 34.83 32.26 -11.26
CA LEU C 140 36.00 32.42 -10.40
C LEU C 140 35.93 33.76 -9.70
N VAL C 141 36.27 33.79 -8.43
CA VAL C 141 36.20 35.05 -7.72
C VAL C 141 37.43 35.86 -8.08
N SER C 142 37.23 37.15 -8.38
CA SER C 142 38.31 38.04 -8.76
C SER C 142 39.26 38.25 -7.59
N GLU C 143 40.45 38.77 -7.92
CA GLU C 143 41.46 39.00 -6.89
C GLU C 143 41.05 40.09 -5.91
N LYS C 144 40.41 41.15 -6.39
CA LYS C 144 39.99 42.20 -5.46
C LYS C 144 38.89 41.73 -4.52
N ASP C 145 38.14 40.69 -4.89
CA ASP C 145 37.04 40.18 -4.08
C ASP C 145 37.48 39.07 -3.13
N GLN C 146 38.72 38.59 -3.26
CA GLN C 146 39.18 37.44 -2.48
C GLN C 146 38.95 37.62 -1.00
N ALA C 147 39.17 38.82 -0.48
CA ALA C 147 39.16 39.04 0.96
C ALA C 147 37.76 39.03 1.53
N ALA C 148 36.80 39.71 0.88
CA ALA C 148 35.43 39.65 1.36
C ALA C 148 34.88 38.22 1.26
N VAL C 149 35.20 37.55 0.17
CA VAL C 149 34.67 36.21 -0.07
C VAL C 149 35.25 35.23 0.93
N ARG C 150 36.57 35.32 1.21
CA ARG C 150 37.19 34.45 2.20
C ARG C 150 36.50 34.55 3.55
N SER C 151 36.21 35.77 4.01
CA SER C 151 35.62 35.95 5.34
C SER C 151 34.14 35.55 5.38
N ALA C 152 33.37 35.82 4.32
CA ALA C 152 32.02 35.26 4.28
C ALA C 152 32.06 33.74 4.34
N TYR C 153 33.03 33.11 3.68
CA TYR C 153 33.11 31.65 3.71
C TYR C 153 33.50 31.15 5.10
N LEU C 154 34.50 31.79 5.72
CA LEU C 154 34.96 31.32 7.01
C LEU C 154 33.97 31.61 8.14
N ALA C 155 33.17 32.68 8.04
CA ALA C 155 32.12 32.90 9.02
C ALA C 155 31.18 31.70 9.12
N LYS C 156 30.94 31.00 8.00
CA LYS C 156 30.07 29.81 8.04
C LYS C 156 30.85 28.53 8.20
N HIS C 157 32.12 28.51 7.82
CA HIS C 157 32.97 27.34 7.98
C HIS C 157 34.23 27.76 8.72
N PRO C 158 34.13 28.02 10.03
CA PRO C 158 35.26 28.67 10.73
C PRO C 158 36.53 27.85 10.76
N LYS C 159 36.47 26.54 10.65
CA LYS C 159 37.68 25.72 10.72
C LYS C 159 38.19 25.28 9.35
N ALA C 160 37.70 25.88 8.26
CA ALA C 160 38.10 25.46 6.91
C ALA C 160 39.40 26.16 6.51
N PHE C 161 40.46 25.83 7.25
CA PHE C 161 41.79 26.39 6.98
C PHE C 161 42.28 26.03 5.58
N TRP C 162 41.79 24.92 5.02
CA TRP C 162 42.26 24.47 3.72
C TRP C 162 41.96 25.45 2.59
N VAL C 163 41.10 26.44 2.81
CA VAL C 163 40.79 27.36 1.72
C VAL C 163 42.01 28.13 1.28
N ASP C 164 43.08 28.13 2.09
CA ASP C 164 44.33 28.81 1.77
C ASP C 164 45.31 27.94 0.98
N PHE C 165 45.13 26.62 0.98
CA PHE C 165 45.95 25.73 0.16
C PHE C 165 45.95 26.16 -1.29
N GLY C 166 47.02 25.80 -2.00
CA GLY C 166 47.19 26.28 -3.36
C GLY C 166 46.15 25.71 -4.32
N ASP C 167 45.78 24.44 -4.14
CA ASP C 167 44.83 23.86 -5.08
C ASP C 167 43.38 24.23 -4.83
N PHE C 168 43.08 25.09 -3.85
CA PHE C 168 41.72 25.57 -3.60
C PHE C 168 41.51 26.98 -4.14
N SER C 169 40.33 27.21 -4.72
CA SER C 169 39.93 28.53 -5.18
C SER C 169 38.49 28.78 -4.76
N PHE C 170 38.12 30.06 -4.61
CA PHE C 170 36.73 30.42 -4.34
C PHE C 170 35.99 30.60 -5.65
N MET C 171 34.79 30.03 -5.72
CA MET C 171 33.90 30.31 -6.82
C MET C 171 32.60 30.82 -6.25
N ARG C 172 31.90 31.61 -7.05
CA ARG C 172 30.63 32.19 -6.67
C ARG C 172 29.62 31.70 -7.69
N ILE C 173 28.45 31.25 -7.24
CA ILE C 173 27.38 30.93 -8.17
C ILE C 173 26.53 32.19 -8.33
N GLU C 174 26.61 32.82 -9.48
CA GLU C 174 25.80 33.99 -9.73
C GLU C 174 24.41 33.53 -10.09
N PRO C 175 23.40 33.84 -9.28
CA PRO C 175 22.09 33.24 -9.50
C PRO C 175 21.44 33.76 -10.79
N LYS C 176 20.79 32.85 -11.50
CA LYS C 176 19.87 33.17 -12.58
C LYS C 176 18.43 33.13 -12.11
N VAL C 177 18.03 32.08 -11.39
CA VAL C 177 16.67 31.94 -10.89
C VAL C 177 16.73 31.09 -9.64
N VAL C 178 15.87 31.41 -8.67
CA VAL C 178 15.75 30.64 -7.45
C VAL C 178 14.34 30.08 -7.35
N ARG C 179 14.23 28.75 -7.32
CA ARG C 179 12.96 28.03 -7.26
C ARG C 179 12.85 27.30 -5.91
N TYR C 180 11.61 27.18 -5.42
CA TYR C 180 11.39 26.43 -4.20
C TYR C 180 10.17 25.53 -4.33
N VAL C 181 10.16 24.47 -3.54
CA VAL C 181 8.98 23.62 -3.34
C VAL C 181 8.95 23.23 -1.86
N SER C 182 7.76 23.14 -1.30
CA SER C 182 7.64 22.78 0.11
C SER C 182 6.45 21.87 0.33
N GLY C 183 6.57 21.02 1.34
CA GLY C 183 5.47 20.16 1.72
C GLY C 183 5.16 19.11 0.68
N VAL C 184 6.19 18.51 0.10
CA VAL C 184 5.98 17.44 -0.86
C VAL C 184 5.48 16.21 -0.11
N ALA C 185 4.43 15.57 -0.66
CA ALA C 185 3.73 14.44 -0.05
C ALA C 185 2.92 14.88 1.18
N THR C 186 2.36 16.09 1.14
CA THR C 186 1.49 16.59 2.21
C THR C 186 0.34 17.37 1.60
N ALA C 187 -0.61 17.75 2.46
CA ALA C 187 -1.70 18.61 2.02
C ALA C 187 -1.19 20.01 1.71
N PHE C 188 -0.21 20.49 2.46
CA PHE C 188 0.31 21.85 2.30
C PHE C 188 1.44 21.77 1.28
N LEU C 189 1.15 22.16 0.04
CA LEU C 189 2.17 22.20 -1.00
C LEU C 189 2.25 23.63 -1.51
N GLY C 190 3.47 24.17 -1.50
CA GLY C 190 3.73 25.49 -2.03
C GLY C 190 4.93 25.46 -2.96
N SER C 191 4.91 26.36 -3.95
CA SER C 191 6.00 26.42 -4.91
C SER C 191 6.01 27.79 -5.59
N GLY C 192 7.16 28.10 -6.20
CA GLY C 192 7.32 29.35 -6.89
C GLY C 192 8.79 29.57 -7.23
N GLU C 193 9.05 30.70 -7.89
CA GLU C 193 10.40 31.05 -8.33
C GLU C 193 10.60 32.55 -8.21
N PHE C 194 11.87 32.95 -8.12
CA PHE C 194 12.25 34.35 -8.05
C PHE C 194 13.36 34.63 -9.04
N SER C 195 13.26 35.77 -9.70
CA SER C 195 14.34 36.21 -10.55
C SER C 195 15.53 36.61 -9.69
N LYS C 196 16.67 36.77 -10.36
CA LYS C 196 17.87 37.26 -9.69
C LYS C 196 17.60 38.60 -8.98
N GLU C 197 16.90 39.51 -9.65
CA GLU C 197 16.65 40.83 -9.08
C GLU C 197 15.75 40.74 -7.85
N GLU C 198 14.65 39.98 -7.92
CA GLU C 198 13.78 39.80 -6.77
C GLU C 198 14.54 39.18 -5.60
N TYR C 199 15.32 38.13 -5.88
CA TYR C 199 16.05 37.46 -4.81
C TYR C 199 17.07 38.39 -4.17
N GLN C 200 17.84 39.11 -4.98
CA GLN C 200 18.87 39.99 -4.44
C GLN C 200 18.28 41.17 -3.68
N ALA C 201 17.10 41.65 -4.08
CA ALA C 201 16.50 42.79 -3.38
C ALA C 201 15.96 42.40 -2.01
N ALA C 202 15.68 41.13 -1.76
CA ALA C 202 15.17 40.76 -0.45
C ALA C 202 16.28 40.80 0.58
N LYS C 203 15.93 41.15 1.81
CA LYS C 203 16.87 41.19 2.93
C LYS C 203 16.78 39.91 3.74
N VAL C 204 17.91 39.46 4.27
CA VAL C 204 17.89 38.38 5.23
C VAL C 204 17.23 38.87 6.52
N ASP C 205 16.31 38.07 7.06
CA ASP C 205 15.67 38.41 8.33
C ASP C 205 16.70 38.44 9.45
N PRO C 206 16.84 39.55 10.18
CA PRO C 206 17.95 39.67 11.15
C PRO C 206 17.79 38.82 12.41
N ILE C 207 16.65 38.16 12.62
CA ILE C 207 16.48 37.37 13.83
C ILE C 207 16.79 35.89 13.61
N ALA C 208 16.74 35.40 12.36
CA ALA C 208 16.93 33.97 12.11
C ALA C 208 18.30 33.47 12.58
N GLN C 209 19.31 34.33 12.58
CA GLN C 209 20.63 33.90 13.05
C GLN C 209 20.60 33.33 14.46
N TYR C 210 19.66 33.78 15.30
CA TYR C 210 19.57 33.30 16.66
C TYR C 210 18.73 32.04 16.80
N ALA C 211 18.37 31.40 15.69
CA ALA C 211 17.43 30.28 15.76
C ALA C 211 18.02 29.13 16.55
N LYS C 212 19.25 28.71 16.21
CA LYS C 212 19.84 27.53 16.83
C LYS C 212 19.90 27.61 18.35
N PRO C 213 20.52 28.62 18.97
CA PRO C 213 20.54 28.64 20.43
C PRO C 213 19.16 28.65 21.05
N VAL C 214 18.24 29.45 20.49
CA VAL C 214 16.92 29.59 21.10
C VAL C 214 16.16 28.28 21.02
N THR C 215 16.15 27.65 19.84
CA THR C 215 15.37 26.42 19.68
C THR C 215 15.90 25.31 20.58
N SER C 216 17.23 25.23 20.73
CA SER C 216 17.83 24.19 21.55
C SER C 216 17.42 24.35 23.01
N HIS C 217 17.70 25.52 23.60
CA HIS C 217 17.33 25.78 24.98
C HIS C 217 15.86 25.51 25.22
N MET C 218 15.02 25.69 24.20
CA MET C 218 13.58 25.50 24.37
C MET C 218 13.17 24.05 24.19
N ASN C 219 13.81 23.32 23.28
CA ASN C 219 13.38 21.96 23.00
C ASN C 219 13.82 20.97 24.08
N LYS C 220 14.94 21.24 24.73
CA LYS C 220 15.52 20.32 25.71
C LYS C 220 15.14 20.65 27.14
N ASP C 221 14.73 21.89 27.43
CA ASP C 221 14.43 22.29 28.79
C ASP C 221 13.00 22.79 28.99
N HIS C 222 12.28 23.14 27.92
CA HIS C 222 11.00 23.83 28.09
C HIS C 222 9.97 23.36 27.08
N GLU C 223 10.11 22.14 26.57
CA GLU C 223 9.17 21.57 25.62
C GLU C 223 7.73 21.63 26.13
N GLU C 224 7.55 21.71 27.45
CA GLU C 224 6.22 21.83 28.02
C GLU C 224 5.64 23.24 27.81
N ASP C 225 6.49 24.27 27.85
CA ASP C 225 6.03 25.63 27.59
C ASP C 225 5.65 25.81 26.13
N THR C 226 6.42 25.21 25.22
CA THR C 226 6.10 25.30 23.80
C THR C 226 4.70 24.74 23.53
N LYS C 227 4.37 23.59 24.10
CA LYS C 227 3.07 23.00 23.79
C LYS C 227 1.92 23.86 24.32
N ALA C 228 2.09 24.47 25.49
CA ALA C 228 1.05 25.34 26.03
C ALA C 228 0.83 26.55 25.13
N ILE C 229 1.93 27.17 24.67
CA ILE C 229 1.82 28.31 23.77
C ILE C 229 1.12 27.89 22.48
N VAL C 230 1.54 26.75 21.91
CA VAL C 230 0.90 26.26 20.69
C VAL C 230 -0.56 25.92 20.96
N HIS C 231 -0.83 25.25 22.07
CA HIS C 231 -2.20 24.89 22.42
C HIS C 231 -3.09 26.12 22.49
N ASN C 232 -2.60 27.17 23.15
CA ASN C 232 -3.39 28.38 23.31
C ASN C 232 -3.74 29.01 21.96
N ILE C 233 -2.75 29.11 21.06
CA ILE C 233 -2.87 29.97 19.88
C ILE C 233 -3.49 29.28 18.67
N THR C 234 -3.56 27.95 18.69
CA THR C 234 -4.26 27.22 17.64
C THR C 234 -5.44 26.45 18.21
N SER C 235 -5.62 26.45 19.53
CA SER C 235 -6.65 25.68 20.22
C SER C 235 -6.50 24.18 19.99
N ILE C 236 -5.34 23.73 19.51
CA ILE C 236 -5.10 22.34 19.20
C ILE C 236 -4.37 21.70 20.38
N PRO C 237 -4.88 20.62 20.96
CA PRO C 237 -4.16 19.89 22.02
C PRO C 237 -3.04 19.07 21.45
N VAL C 238 -1.80 19.48 21.70
CA VAL C 238 -0.63 18.90 21.09
C VAL C 238 0.05 17.98 22.09
N GLU C 239 0.32 16.74 21.68
CA GLU C 239 1.11 15.84 22.51
C GLU C 239 2.50 16.42 22.73
N SER C 240 3.10 16.95 21.67
CA SER C 240 4.42 17.56 21.74
C SER C 240 4.50 18.68 20.71
N ALA C 241 5.52 19.52 20.86
CA ALA C 241 5.78 20.62 19.95
C ALA C 241 7.26 20.94 20.01
N LEU C 242 7.96 20.73 18.90
CA LEU C 242 9.41 20.94 18.84
C LEU C 242 9.73 22.15 17.99
N MET C 243 10.54 23.06 18.54
CA MET C 243 10.95 24.23 17.78
C MET C 243 11.85 23.81 16.63
N LEU C 244 11.52 24.28 15.44
CA LEU C 244 12.30 24.00 14.24
C LEU C 244 13.16 25.20 13.90
N ASP C 245 12.51 26.31 13.52
CA ASP C 245 13.22 27.53 13.15
C ASP C 245 12.55 28.75 13.76
N LEU C 246 13.18 29.91 13.52
CA LEU C 246 12.74 31.14 14.15
C LEU C 246 13.06 32.31 13.23
N ASP C 247 12.17 33.31 13.23
CA ASP C 247 12.41 34.58 12.55
C ASP C 247 11.75 35.67 13.38
N SER C 248 11.84 36.91 12.89
CA SER C 248 11.39 38.07 13.65
C SER C 248 9.87 38.08 13.88
N LEU C 249 9.12 37.36 13.05
CA LEU C 249 7.67 37.30 13.13
C LEU C 249 7.14 36.10 13.90
N GLY C 250 7.98 35.18 14.31
CA GLY C 250 7.51 33.99 14.99
C GLY C 250 8.41 32.79 14.69
N PHE C 251 7.90 31.61 15.04
CA PHE C 251 8.67 30.38 14.84
C PHE C 251 7.75 29.27 14.37
N ASN C 252 8.36 28.24 13.78
CA ASN C 252 7.63 27.07 13.33
C ASN C 252 7.91 25.91 14.27
N VAL C 253 6.95 25.01 14.40
CA VAL C 253 7.09 23.83 15.25
C VAL C 253 6.61 22.60 14.49
N LYS C 254 7.22 21.47 14.80
CA LYS C 254 6.71 20.17 14.38
C LYS C 254 5.91 19.61 15.56
N ALA C 255 4.64 19.31 15.32
CA ALA C 255 3.73 18.87 16.37
C ALA C 255 3.12 17.53 16.01
N THR C 256 2.84 16.73 17.04
CA THR C 256 2.27 15.40 16.87
C THR C 256 1.01 15.28 17.71
N LEU C 257 0.00 14.65 17.12
CA LEU C 257 -1.25 14.33 17.80
C LEU C 257 -1.84 13.09 17.15
N GLN C 258 -2.25 12.13 17.97
CA GLN C 258 -2.55 10.78 17.51
C GLN C 258 -1.36 10.26 16.73
N GLY C 259 -1.61 9.62 15.59
CA GLY C 259 -0.54 9.16 14.74
C GLY C 259 -0.31 10.11 13.58
N ASN C 260 -0.29 11.41 13.86
CA ASN C 260 -0.13 12.42 12.83
C ASN C 260 0.94 13.41 13.27
N THR C 261 1.80 13.77 12.33
CA THR C 261 2.82 14.78 12.53
C THR C 261 2.63 15.88 11.49
N PHE C 262 2.73 17.14 11.93
CA PHE C 262 2.46 18.26 11.04
C PHE C 262 3.15 19.49 11.61
N LYS C 263 3.25 20.52 10.77
CA LYS C 263 3.96 21.74 11.09
C LYS C 263 2.97 22.85 11.43
N LEU C 264 3.33 23.67 12.43
CA LEU C 264 2.49 24.77 12.87
C LEU C 264 3.31 26.05 12.98
N ARG C 265 2.74 27.13 12.48
CA ARG C 265 3.34 28.46 12.56
C ARG C 265 2.86 29.14 13.84
N VAL C 266 3.80 29.63 14.64
CA VAL C 266 3.47 30.35 15.85
C VAL C 266 3.97 31.79 15.75
N PRO C 267 3.12 32.73 15.33
CA PRO C 267 3.57 34.11 15.19
C PRO C 267 3.64 34.81 16.54
N PHE C 268 4.59 35.71 16.65
CA PHE C 268 4.62 36.57 17.82
C PHE C 268 3.47 37.57 17.72
N PRO C 269 3.02 38.11 18.86
CA PRO C 269 2.07 39.23 18.79
C PRO C 269 2.66 40.48 18.16
N ARG C 270 3.98 40.57 18.05
CA ARG C 270 4.63 41.68 17.33
C ARG C 270 6.02 41.23 16.93
N ARG C 271 6.64 42.00 16.04
CA ARG C 271 7.97 41.65 15.55
C ARG C 271 9.00 41.74 16.66
N ALA C 272 9.84 40.70 16.76
CA ALA C 272 10.96 40.75 17.68
C ALA C 272 12.07 41.61 17.09
N GLN C 273 12.69 42.42 17.93
CA GLN C 273 13.69 43.40 17.49
C GLN C 273 15.13 42.96 17.73
N ASP C 274 15.38 41.98 18.62
CA ASP C 274 16.72 41.48 18.89
C ASP C 274 16.57 40.17 19.67
N ARG C 275 17.71 39.60 20.08
CA ARG C 275 17.68 38.27 20.67
C ARG C 275 16.89 38.26 21.98
N LYS C 276 17.20 39.19 22.88
CA LYS C 276 16.50 39.24 24.16
C LYS C 276 15.01 39.49 23.99
N ASP C 277 14.62 40.29 22.99
CA ASP C 277 13.21 40.48 22.69
C ASP C 277 12.51 39.17 22.32
N VAL C 278 13.22 38.24 21.66
CA VAL C 278 12.62 36.94 21.36
C VAL C 278 12.29 36.22 22.65
N LYS C 279 13.21 36.26 23.60
CA LYS C 279 12.97 35.68 24.93
C LYS C 279 11.77 36.35 25.58
N THR C 280 11.72 37.67 25.54
CA THR C 280 10.61 38.42 26.14
C THR C 280 9.26 38.01 25.55
N LEU C 281 9.21 37.87 24.22
CA LEU C 281 7.94 37.56 23.56
C LEU C 281 7.45 36.16 23.92
N ILE C 282 8.37 35.21 24.08
CA ILE C 282 7.92 33.86 24.39
C ILE C 282 7.39 33.81 25.80
N VAL C 283 8.01 34.55 26.72
CA VAL C 283 7.48 34.66 28.09
C VAL C 283 6.06 35.22 28.06
N GLU C 284 5.84 36.33 27.34
CA GLU C 284 4.50 36.90 27.25
C GLU C 284 3.52 35.90 26.64
N MET C 285 3.93 35.17 25.61
CA MET C 285 3.01 34.20 25.03
C MET C 285 2.72 33.07 26.01
N LEU C 286 3.68 32.76 26.88
CA LEU C 286 3.43 31.77 27.92
C LEU C 286 2.46 32.33 28.95
N GLN C 287 2.73 33.53 29.46
CA GLN C 287 1.81 34.18 30.39
C GLN C 287 0.39 34.19 29.85
N ALA C 288 0.24 34.62 28.60
CA ALA C 288 -1.06 34.59 27.95
C ALA C 288 -1.62 33.18 27.86
N ALA C 289 -0.73 32.18 27.78
CA ALA C 289 -1.18 30.80 27.66
C ALA C 289 -1.71 30.26 28.99
N LYS C 290 -1.18 30.75 30.11
CA LYS C 290 -1.64 30.33 31.44
C LYS C 290 -2.76 31.24 31.94
N SER C 291 -3.76 31.47 31.09
CA SER C 291 -4.89 32.34 31.43
C SER C 291 -6.20 31.75 30.91
N VAL D 38 51.46 8.58 15.01
CA VAL D 38 50.68 8.15 16.16
C VAL D 38 49.37 7.49 15.71
N PHE D 39 48.71 8.13 14.74
CA PHE D 39 47.59 7.52 14.04
C PHE D 39 48.04 6.74 12.81
N LYS D 40 49.35 6.71 12.53
CA LYS D 40 49.89 5.81 11.50
C LYS D 40 49.52 4.36 11.77
N LEU D 41 49.22 4.01 13.02
CA LEU D 41 48.76 2.67 13.33
C LEU D 41 47.39 2.41 12.72
N ILE D 42 46.54 3.44 12.67
CA ILE D 42 45.23 3.29 12.03
C ILE D 42 45.39 2.97 10.55
N GLN D 43 46.22 3.76 9.86
CA GLN D 43 46.37 3.56 8.41
C GLN D 43 46.85 2.15 8.10
N ALA D 44 47.80 1.65 8.89
CA ALA D 44 48.31 0.29 8.66
C ALA D 44 47.23 -0.75 8.91
N HIS D 45 46.36 -0.53 9.90
CA HIS D 45 45.28 -1.47 10.17
C HIS D 45 44.22 -1.44 9.06
N GLU D 46 43.83 -0.25 8.62
CA GLU D 46 42.79 -0.17 7.59
C GLU D 46 43.25 -0.80 6.29
N GLU D 47 44.55 -0.68 5.96
CA GLU D 47 45.03 -1.22 4.70
C GLU D 47 44.96 -2.74 4.67
N LYS D 48 45.03 -3.40 5.83
CA LYS D 48 45.08 -4.86 5.88
C LYS D 48 43.72 -5.49 6.10
N ALA D 49 42.77 -4.78 6.69
CA ALA D 49 41.56 -5.40 7.20
C ALA D 49 40.69 -5.92 6.05
N ALA D 50 40.22 -7.16 6.19
CA ALA D 50 39.32 -7.73 5.20
C ALA D 50 38.10 -6.83 5.03
N ARG D 51 37.73 -6.60 3.78
CA ARG D 51 36.59 -5.76 3.48
C ARG D 51 36.08 -6.20 2.12
N LEU D 52 34.83 -5.87 1.81
CA LEU D 52 34.31 -6.16 0.48
C LEU D 52 35.19 -5.48 -0.57
N SER D 53 35.27 -6.10 -1.75
CA SER D 53 35.89 -5.43 -2.88
C SER D 53 35.15 -4.13 -3.19
N PRO D 54 35.83 -3.17 -3.84
CA PRO D 54 35.16 -1.90 -4.19
C PRO D 54 33.83 -2.08 -4.93
N VAL D 55 33.77 -2.88 -5.99
CA VAL D 55 32.51 -2.96 -6.73
C VAL D 55 31.42 -3.59 -5.86
N GLU D 56 31.78 -4.56 -5.02
CA GLU D 56 30.79 -5.19 -4.15
C GLU D 56 30.34 -4.23 -3.06
N GLU D 57 31.26 -3.43 -2.50
CA GLU D 57 30.87 -2.40 -1.54
C GLU D 57 29.90 -1.40 -2.15
N ILE D 58 30.22 -0.89 -3.35
CA ILE D 58 29.31 0.08 -4.00
C ILE D 58 27.97 -0.58 -4.34
N ARG D 59 28.01 -1.78 -4.92
CA ARG D 59 26.77 -2.52 -5.20
C ARG D 59 25.95 -2.70 -3.94
N THR D 60 26.60 -2.98 -2.80
CA THR D 60 25.86 -3.26 -1.58
C THR D 60 25.28 -1.99 -0.96
N VAL D 61 26.09 -0.92 -0.89
CA VAL D 61 25.60 0.35 -0.34
C VAL D 61 24.45 0.87 -1.16
N LEU D 62 24.57 0.83 -2.50
CA LEU D 62 23.45 1.27 -3.34
C LEU D 62 22.18 0.48 -3.03
N ASN D 63 22.30 -0.85 -2.88
CA ASN D 63 21.09 -1.65 -2.66
C ASN D 63 20.43 -1.33 -1.32
N GLY D 64 21.20 -0.94 -0.32
CA GLY D 64 20.58 -0.57 0.93
C GLY D 64 20.08 0.86 1.01
N SER D 65 20.37 1.69 0.00
CA SER D 65 19.96 3.09 0.05
C SER D 65 18.55 3.25 -0.50
N ILE D 66 17.82 4.22 0.03
CA ILE D 66 16.43 4.42 -0.35
C ILE D 66 16.12 5.85 -0.78
N CYS D 67 17.07 6.76 -0.71
CA CYS D 67 16.80 8.14 -1.08
CA CYS D 67 16.79 8.12 -1.13
C CYS D 67 18.11 8.79 -1.52
N GLY D 68 17.99 9.76 -2.42
CA GLY D 68 19.17 10.40 -2.96
C GLY D 68 18.77 11.62 -3.76
N MET D 69 19.77 12.23 -4.39
CA MET D 69 19.59 13.47 -5.12
C MET D 69 19.67 13.19 -6.59
N LEU D 70 18.61 13.49 -7.31
CA LEU D 70 18.54 13.28 -8.75
C LEU D 70 18.90 14.58 -9.46
N SER D 71 19.90 14.52 -10.34
CA SER D 71 20.26 15.64 -11.22
C SER D 71 19.74 15.36 -12.62
N THR D 72 19.05 16.34 -13.21
CA THR D 72 18.52 16.23 -14.57
C THR D 72 18.91 17.48 -15.35
N PHE D 73 18.67 17.46 -16.66
CA PHE D 73 18.63 18.70 -17.43
C PHE D 73 17.31 19.41 -17.13
N SER D 74 17.40 20.67 -16.76
CA SER D 74 16.18 21.43 -16.50
C SER D 74 15.45 21.68 -17.81
N GLN D 75 14.19 21.30 -17.85
CA GLN D 75 13.38 21.57 -19.02
C GLN D 75 12.99 23.05 -19.07
N LYS D 76 12.68 23.65 -17.91
CA LYS D 76 12.24 25.05 -17.88
C LYS D 76 13.38 26.04 -18.06
N TYR D 77 14.55 25.78 -17.47
CA TYR D 77 15.68 26.72 -17.50
C TYR D 77 16.75 26.15 -18.40
N GLU D 78 16.58 26.42 -19.69
CA GLU D 78 17.39 25.81 -20.73
C GLU D 78 18.88 26.08 -20.51
N GLY D 79 19.68 25.02 -20.67
CA GLY D 79 21.11 25.11 -20.44
C GLY D 79 21.54 24.82 -19.02
N TYR D 80 20.63 24.76 -18.07
CA TYR D 80 20.97 24.52 -16.69
C TYR D 80 20.61 23.09 -16.29
N PRO D 81 21.39 22.51 -15.40
CA PRO D 81 20.97 21.29 -14.71
C PRO D 81 20.05 21.64 -13.55
N SER D 82 19.49 20.61 -12.94
CA SER D 82 18.56 20.81 -11.85
C SER D 82 18.65 19.61 -10.93
N GLY D 83 18.41 19.83 -9.64
CA GLY D 83 18.46 18.77 -8.67
C GLY D 83 17.18 18.69 -7.86
N SER D 84 16.88 17.47 -7.41
CA SER D 84 15.76 17.27 -6.48
C SER D 84 15.99 16.00 -5.69
N MET D 85 15.34 15.93 -4.54
CA MET D 85 15.39 14.73 -3.71
C MET D 85 14.36 13.72 -4.21
N VAL D 86 14.77 12.45 -4.32
CA VAL D 86 13.86 11.39 -4.71
C VAL D 86 14.07 10.17 -3.82
N ASP D 87 12.97 9.47 -3.58
CA ASP D 87 13.00 8.11 -3.06
C ASP D 87 13.28 7.15 -4.19
N PHE D 88 13.96 6.05 -3.88
CA PHE D 88 14.14 5.02 -4.89
C PHE D 88 14.32 3.66 -4.22
N ALA D 89 14.42 2.62 -5.05
CA ALA D 89 14.80 1.27 -4.61
C ALA D 89 15.50 0.62 -5.78
N CYS D 90 16.64 -0.04 -5.53
CA CYS D 90 17.28 -0.79 -6.61
C CYS D 90 16.47 -2.04 -6.95
N ASP D 91 16.35 -2.33 -8.25
CA ASP D 91 15.79 -3.61 -8.66
C ASP D 91 16.88 -4.68 -8.54
N ALA D 92 16.58 -5.90 -8.99
CA ALA D 92 17.52 -7.00 -8.79
C ALA D 92 18.84 -6.76 -9.50
N ASP D 93 18.84 -6.01 -10.60
CA ASP D 93 20.09 -5.74 -11.29
C ASP D 93 20.87 -4.57 -10.69
N GLY D 94 20.34 -3.93 -9.65
CA GLY D 94 20.95 -2.74 -9.10
C GLY D 94 20.51 -1.43 -9.73
N SER D 95 19.48 -1.45 -10.59
CA SER D 95 19.02 -0.26 -11.27
C SER D 95 18.00 0.48 -10.42
N PRO D 96 18.23 1.75 -10.06
CA PRO D 96 17.26 2.49 -9.23
C PRO D 96 15.90 2.61 -9.90
N ILE D 97 14.87 2.33 -9.11
CA ILE D 97 13.47 2.50 -9.48
C ILE D 97 12.95 3.76 -8.81
N LEU D 98 12.38 4.65 -9.60
CA LEU D 98 11.73 5.86 -9.09
C LEU D 98 10.23 5.75 -9.33
N ALA D 99 9.47 6.23 -8.35
CA ALA D 99 8.03 6.43 -8.47
C ALA D 99 7.79 7.93 -8.60
N VAL D 100 7.51 8.40 -9.81
CA VAL D 100 7.46 9.84 -10.06
C VAL D 100 6.06 10.26 -10.48
N SER D 101 5.67 11.44 -9.99
CA SER D 101 4.42 12.07 -10.35
C SER D 101 4.59 12.87 -11.62
N SER D 102 3.61 12.75 -12.52
CA SER D 102 3.61 13.54 -13.74
C SER D 102 3.51 15.04 -13.44
N LEU D 103 3.11 15.40 -12.22
CA LEU D 103 3.06 16.80 -11.80
C LEU D 103 4.42 17.37 -11.41
N ALA D 104 5.45 16.53 -11.21
CA ALA D 104 6.70 17.00 -10.64
C ALA D 104 7.61 17.63 -11.69
N VAL D 105 8.44 18.57 -11.24
CA VAL D 105 9.39 19.23 -12.15
C VAL D 105 10.36 18.20 -12.74
N HIS D 106 10.94 17.33 -11.90
CA HIS D 106 11.93 16.38 -12.40
C HIS D 106 11.34 15.36 -13.36
N THR D 107 10.05 15.04 -13.24
CA THR D 107 9.45 14.12 -14.21
C THR D 107 9.49 14.72 -15.60
N LYS D 108 9.04 15.98 -15.74
CA LYS D 108 9.12 16.65 -17.02
C LYS D 108 10.55 16.74 -17.51
N ASP D 109 11.49 17.01 -16.61
CA ASP D 109 12.89 16.99 -17.02
C ASP D 109 13.24 15.64 -17.65
N LEU D 110 12.92 14.55 -16.94
CA LEU D 110 13.29 13.22 -17.43
C LEU D 110 12.61 12.87 -18.73
N LEU D 111 11.36 13.32 -18.93
CA LEU D 111 10.67 13.00 -20.18
C LEU D 111 11.24 13.81 -21.33
N ALA D 112 11.81 14.98 -21.05
CA ALA D 112 12.45 15.78 -22.09
C ALA D 112 13.86 15.30 -22.41
N ASN D 113 14.59 14.80 -21.41
CA ASN D 113 15.95 14.28 -21.60
C ASN D 113 16.17 13.21 -20.53
N PRO D 114 16.26 11.93 -20.90
CA PRO D 114 16.33 10.85 -19.90
C PRO D 114 17.68 10.72 -19.21
N LYS D 115 18.69 11.43 -19.67
CA LYS D 115 20.01 11.35 -19.07
C LYS D 115 20.02 12.10 -17.73
N CYS D 116 20.41 11.39 -16.68
CA CYS D 116 20.30 11.92 -15.33
C CYS D 116 21.42 11.31 -14.49
N SER D 117 21.49 11.70 -13.23
CA SER D 117 22.41 11.06 -12.32
C SER D 117 21.77 11.02 -10.96
N LEU D 118 22.21 10.06 -10.15
CA LEU D 118 21.65 9.83 -8.83
C LEU D 118 22.81 9.83 -7.85
N LEU D 119 22.73 10.69 -6.86
CA LEU D 119 23.79 10.86 -5.88
C LEU D 119 23.29 10.27 -4.57
N ILE D 120 24.06 9.34 -4.03
CA ILE D 120 23.78 8.61 -2.80
C ILE D 120 24.88 8.92 -1.79
N ALA D 121 24.48 9.18 -0.56
CA ALA D 121 25.41 9.44 0.54
C ALA D 121 25.23 8.34 1.58
N ARG D 122 26.27 7.52 1.76
CA ARG D 122 26.22 6.42 2.73
C ARG D 122 25.69 6.92 4.07
N ASP D 123 26.32 7.95 4.62
CA ASP D 123 25.82 8.69 5.79
C ASP D 123 25.62 10.13 5.36
N PRO D 124 24.38 10.55 5.10
CA PRO D 124 24.16 11.81 4.35
C PRO D 124 24.79 13.07 4.95
N GLU D 125 25.11 13.11 6.25
CA GLU D 125 25.80 14.27 6.81
C GLU D 125 27.26 14.03 7.17
N ASP D 126 27.73 12.79 7.13
CA ASP D 126 29.16 12.56 7.25
C ASP D 126 29.82 13.12 6.01
N ARG D 127 30.47 14.28 6.16
CA ARG D 127 31.14 14.93 5.03
C ARG D 127 32.29 14.11 4.48
N THR D 128 32.79 13.16 5.27
CA THR D 128 33.88 12.28 4.88
C THR D 128 33.38 10.90 4.45
N GLY D 129 32.08 10.74 4.27
CA GLY D 129 31.54 9.43 4.01
C GLY D 129 31.76 9.00 2.58
N LEU D 130 31.30 7.79 2.30
CA LEU D 130 31.25 7.33 0.93
C LEU D 130 30.15 8.07 0.19
N ARG D 131 30.46 8.52 -1.02
CA ARG D 131 29.47 9.18 -1.88
C ARG D 131 29.50 8.48 -3.23
N ILE D 132 28.33 8.08 -3.70
CA ILE D 132 28.20 7.32 -4.93
C ILE D 132 27.34 8.11 -5.90
N THR D 133 27.83 8.26 -7.13
CA THR D 133 27.09 8.89 -8.22
C THR D 133 26.84 7.86 -9.32
N LEU D 134 25.58 7.60 -9.62
CA LEU D 134 25.18 6.71 -10.68
C LEU D 134 24.66 7.55 -11.84
N HIS D 135 25.30 7.45 -13.01
CA HIS D 135 24.84 8.17 -14.19
C HIS D 135 24.09 7.19 -15.11
N GLY D 136 22.98 7.64 -15.68
CA GLY D 136 22.27 6.74 -16.56
C GLY D 136 21.07 7.39 -17.23
N ASP D 137 20.18 6.52 -17.72
CA ASP D 137 19.10 6.93 -18.59
C ASP D 137 17.80 6.43 -17.98
N ALA D 138 16.90 7.36 -17.66
CA ALA D 138 15.63 6.99 -17.07
C ALA D 138 14.68 6.51 -18.17
N VAL D 139 14.08 5.33 -17.98
CA VAL D 139 13.16 4.73 -18.95
C VAL D 139 11.89 4.32 -18.23
N LEU D 140 10.77 4.45 -18.91
CA LEU D 140 9.50 3.99 -18.37
C LEU D 140 9.55 2.47 -18.18
N VAL D 141 8.97 1.98 -17.10
CA VAL D 141 8.94 0.56 -16.83
C VAL D 141 7.82 -0.10 -17.63
N SER D 142 8.13 -1.21 -18.29
CA SER D 142 7.14 -1.92 -19.12
C SER D 142 6.02 -2.51 -18.28
N GLU D 143 4.92 -2.84 -18.95
CA GLU D 143 3.78 -3.42 -18.25
C GLU D 143 4.13 -4.81 -17.71
N LYS D 144 4.92 -5.56 -18.46
CA LYS D 144 5.32 -6.87 -17.97
C LYS D 144 6.18 -6.77 -16.70
N ASP D 145 6.89 -5.67 -16.51
CA ASP D 145 7.78 -5.51 -15.37
C ASP D 145 7.14 -4.81 -14.18
N GLN D 146 5.92 -4.28 -14.32
CA GLN D 146 5.31 -3.47 -13.27
C GLN D 146 5.30 -4.16 -11.91
N ALA D 147 5.04 -5.47 -11.89
CA ALA D 147 4.81 -6.18 -10.62
C ALA D 147 6.11 -6.38 -9.85
N ALA D 148 7.16 -6.81 -10.54
CA ALA D 148 8.46 -6.93 -9.89
C ALA D 148 8.97 -5.56 -9.43
N VAL D 149 8.77 -4.53 -10.26
CA VAL D 149 9.25 -3.21 -9.90
C VAL D 149 8.46 -2.65 -8.72
N ARG D 150 7.13 -2.82 -8.72
CA ARG D 150 6.29 -2.32 -7.63
C ARG D 150 6.71 -2.87 -6.27
N SER D 151 6.93 -4.18 -6.18
CA SER D 151 7.25 -4.80 -4.89
C SER D 151 8.67 -4.50 -4.45
N ALA D 152 9.62 -4.44 -5.40
CA ALA D 152 10.95 -3.98 -5.03
C ALA D 152 10.87 -2.57 -4.44
N TYR D 153 9.99 -1.73 -4.97
CA TYR D 153 9.86 -0.38 -4.45
C TYR D 153 9.22 -0.38 -3.06
N LEU D 154 8.15 -1.16 -2.88
CA LEU D 154 7.46 -1.18 -1.60
C LEU D 154 8.28 -1.89 -0.53
N ALA D 155 9.11 -2.86 -0.90
CA ALA D 155 10.04 -3.39 0.07
C ALA D 155 10.90 -2.29 0.72
N LYS D 156 11.25 -1.23 -0.02
CA LYS D 156 12.06 -0.17 0.58
C LYS D 156 11.24 0.97 1.15
N HIS D 157 10.03 1.19 0.60
CA HIS D 157 9.12 2.24 1.04
C HIS D 157 7.76 1.60 1.29
N PRO D 158 7.64 0.84 2.39
CA PRO D 158 6.45 -0.03 2.56
C PRO D 158 5.16 0.72 2.64
N LYS D 159 5.16 1.98 3.06
CA LYS D 159 3.95 2.76 3.23
C LYS D 159 3.67 3.71 2.08
N ALA D 160 4.36 3.56 0.94
CA ALA D 160 4.18 4.48 -0.20
C ALA D 160 2.97 4.04 -1.01
N PHE D 161 1.79 4.22 -0.42
CA PHE D 161 0.55 3.83 -1.09
C PHE D 161 0.33 4.60 -2.39
N TRP D 162 0.87 5.81 -2.50
CA TRP D 162 0.63 6.68 -3.65
C TRP D 162 1.16 6.11 -4.96
N VAL D 163 1.96 5.04 -4.94
CA VAL D 163 2.48 4.49 -6.20
C VAL D 163 1.35 3.98 -7.08
N ASP D 164 0.15 3.80 -6.50
CA ASP D 164 -1.02 3.34 -7.23
C ASP D 164 -1.85 4.48 -7.83
N PHE D 165 -1.66 5.73 -7.37
CA PHE D 165 -2.34 6.87 -7.98
C PHE D 165 -2.08 6.92 -9.49
N GLY D 166 -3.03 7.50 -10.22
CA GLY D 166 -2.92 7.51 -11.68
C GLY D 166 -1.78 8.39 -12.18
N ASP D 167 -1.51 9.50 -11.49
CA ASP D 167 -0.46 10.42 -11.94
C ASP D 167 0.95 9.93 -11.61
N PHE D 168 1.10 8.77 -10.97
CA PHE D 168 2.41 8.19 -10.68
C PHE D 168 2.72 7.05 -11.63
N SER D 169 3.99 6.97 -12.04
CA SER D 169 4.48 5.81 -12.78
C SER D 169 5.88 5.48 -12.28
N PHE D 170 6.27 4.24 -12.49
CA PHE D 170 7.62 3.79 -12.16
C PHE D 170 8.58 4.08 -13.31
N MET D 171 9.77 4.58 -12.97
CA MET D 171 10.84 4.70 -13.94
C MET D 171 12.09 4.02 -13.42
N ARG D 172 12.89 3.51 -14.32
CA ARG D 172 14.12 2.84 -13.95
C ARG D 172 15.29 3.61 -14.57
N ILE D 173 16.34 3.83 -13.78
CA ILE D 173 17.57 4.44 -14.29
C ILE D 173 18.51 3.33 -14.68
N GLU D 174 18.70 3.15 -15.97
CA GLU D 174 19.60 2.11 -16.45
C GLU D 174 21.02 2.65 -16.35
N PRO D 175 21.89 2.07 -15.53
CA PRO D 175 23.18 2.70 -15.27
C PRO D 175 24.04 2.71 -16.52
N LYS D 176 24.74 3.82 -16.72
CA LYS D 176 25.81 3.88 -17.68
C LYS D 176 27.16 3.72 -17.00
N VAL D 177 27.36 4.42 -15.89
CA VAL D 177 28.60 4.40 -15.16
C VAL D 177 28.27 4.73 -13.71
N VAL D 178 28.99 4.10 -12.79
CA VAL D 178 28.83 4.35 -11.36
C VAL D 178 30.19 4.81 -10.83
N ARG D 179 30.23 6.01 -10.26
CA ARG D 179 31.45 6.60 -9.72
C ARG D 179 31.31 6.76 -8.21
N TYR D 180 32.44 6.66 -7.49
CA TYR D 180 32.40 6.88 -6.05
C TYR D 180 33.62 7.68 -5.61
N VAL D 181 33.43 8.38 -4.48
CA VAL D 181 34.50 9.04 -3.76
C VAL D 181 34.20 8.87 -2.27
N SER D 182 35.24 8.69 -1.46
CA SER D 182 35.08 8.48 -0.02
C SER D 182 36.20 9.17 0.74
N GLY D 183 35.91 9.54 1.98
CA GLY D 183 36.91 10.10 2.87
C GLY D 183 37.36 11.48 2.48
N VAL D 184 36.43 12.34 2.09
CA VAL D 184 36.78 13.71 1.74
C VAL D 184 37.20 14.45 3.01
N ALA D 185 38.32 15.17 2.92
CA ALA D 185 38.92 15.94 4.02
C ALA D 185 39.52 15.06 5.12
N THR D 186 40.07 13.91 4.74
CA THR D 186 40.74 13.03 5.69
C THR D 186 41.91 12.35 4.98
N ALA D 187 42.70 11.64 5.78
CA ALA D 187 43.85 10.89 5.26
C ALA D 187 43.44 9.75 4.33
N PHE D 188 42.30 9.11 4.57
CA PHE D 188 41.89 7.94 3.80
C PHE D 188 41.10 8.39 2.59
N LEU D 189 41.70 8.32 1.41
CA LEU D 189 41.02 8.70 0.18
C LEU D 189 40.93 7.54 -0.81
N GLY D 190 39.70 7.26 -1.26
CA GLY D 190 39.47 6.30 -2.33
C GLY D 190 38.50 6.89 -3.33
N SER D 191 38.69 6.51 -4.59
CA SER D 191 37.80 6.94 -5.66
C SER D 191 37.98 5.99 -6.83
N GLY D 192 36.98 5.95 -7.69
CA GLY D 192 37.01 5.09 -8.86
C GLY D 192 35.64 5.04 -9.50
N GLU D 193 35.56 4.26 -10.57
CA GLU D 193 34.33 4.16 -11.32
C GLU D 193 34.16 2.72 -11.84
N PHE D 194 32.92 2.36 -12.14
CA PHE D 194 32.56 1.06 -12.65
C PHE D 194 31.65 1.22 -13.85
N SER D 195 31.92 0.41 -14.87
CA SER D 195 31.04 0.34 -16.02
C SER D 195 29.75 -0.34 -15.63
N LYS D 196 28.76 -0.25 -16.51
CA LYS D 196 27.50 -0.94 -16.28
C LYS D 196 27.71 -2.43 -16.08
N GLU D 197 28.54 -3.05 -16.92
CA GLU D 197 28.75 -4.50 -16.84
C GLU D 197 29.38 -4.91 -15.53
N GLU D 198 30.42 -4.18 -15.10
CA GLU D 198 31.09 -4.48 -13.83
C GLU D 198 30.10 -4.35 -12.68
N TYR D 199 29.32 -3.28 -12.67
CA TYR D 199 28.39 -3.04 -11.56
C TYR D 199 27.32 -4.12 -11.49
N GLN D 200 26.72 -4.46 -12.63
CA GLN D 200 25.64 -5.45 -12.60
C GLN D 200 26.14 -6.83 -12.23
N ALA D 201 27.39 -7.15 -12.55
CA ALA D 201 27.91 -8.48 -12.23
C ALA D 201 28.18 -8.67 -10.75
N ALA D 202 28.33 -7.59 -9.99
CA ALA D 202 28.59 -7.71 -8.56
C ALA D 202 27.33 -8.14 -7.82
N LYS D 203 27.52 -8.90 -6.74
CA LYS D 203 26.42 -9.36 -5.90
C LYS D 203 26.27 -8.47 -4.68
N VAL D 204 25.02 -8.25 -4.25
CA VAL D 204 24.80 -7.60 -2.96
C VAL D 204 25.26 -8.56 -1.87
N ASP D 205 26.04 -8.05 -0.92
CA ASP D 205 26.46 -8.86 0.22
C ASP D 205 25.22 -9.29 1.00
N PRO D 206 25.00 -10.59 1.20
CA PRO D 206 23.71 -11.03 1.77
C PRO D 206 23.54 -10.72 3.26
N ILE D 207 24.59 -10.27 3.94
CA ILE D 207 24.49 -9.96 5.36
C ILE D 207 24.14 -8.49 5.63
N ALA D 208 24.42 -7.59 4.68
CA ALA D 208 24.21 -6.17 4.91
C ALA D 208 22.76 -5.83 5.24
N GLN D 209 21.81 -6.59 4.70
CA GLN D 209 20.40 -6.31 4.98
C GLN D 209 20.12 -6.29 6.48
N TYR D 210 20.89 -7.04 7.26
CA TYR D 210 20.70 -7.12 8.71
C TYR D 210 21.45 -6.05 9.48
N ALA D 211 22.00 -5.05 8.79
CA ALA D 211 22.85 -4.09 9.48
C ALA D 211 22.09 -3.27 10.51
N LYS D 212 20.97 -2.66 10.12
CA LYS D 212 20.28 -1.74 11.02
C LYS D 212 19.89 -2.41 12.33
N PRO D 213 19.16 -3.53 12.35
CA PRO D 213 18.83 -4.14 13.65
C PRO D 213 20.05 -4.50 14.48
N VAL D 214 21.09 -5.06 13.87
CA VAL D 214 22.28 -5.49 14.62
C VAL D 214 23.00 -4.29 15.22
N THR D 215 23.20 -3.24 14.42
CA THR D 215 23.97 -2.09 14.88
C THR D 215 23.27 -1.36 16.03
N SER D 216 21.95 -1.25 15.96
CA SER D 216 21.22 -0.54 17.01
C SER D 216 21.37 -1.25 18.35
N HIS D 217 21.01 -2.54 18.39
CA HIS D 217 21.12 -3.32 19.62
C HIS D 217 22.53 -3.29 20.21
N MET D 218 23.56 -3.15 19.38
CA MET D 218 24.92 -3.12 19.91
C MET D 218 25.31 -1.74 20.40
N ASN D 219 24.86 -0.71 19.69
CA ASN D 219 25.24 0.65 20.03
C ASN D 219 24.51 1.16 21.28
N LYS D 220 23.36 0.57 21.60
CA LYS D 220 22.53 1.07 22.69
C LYS D 220 22.83 0.38 24.01
N ASP D 221 22.67 -0.93 24.08
CA ASP D 221 22.89 -1.67 25.32
C ASP D 221 24.22 -2.45 25.40
N HIS D 222 25.14 -2.28 24.43
CA HIS D 222 26.40 -3.01 24.48
C HIS D 222 27.57 -2.19 23.95
N GLU D 223 27.50 -0.88 24.08
CA GLU D 223 28.55 -0.02 23.54
C GLU D 223 29.91 -0.41 24.11
N GLU D 224 29.93 -0.96 25.33
CA GLU D 224 31.19 -1.34 25.96
C GLU D 224 31.76 -2.63 25.37
N ASP D 225 30.91 -3.57 24.96
CA ASP D 225 31.40 -4.80 24.36
C ASP D 225 32.03 -4.51 23.00
N THR D 226 31.43 -3.61 22.23
CA THR D 226 31.98 -3.21 20.95
C THR D 226 33.37 -2.59 21.11
N LYS D 227 33.55 -1.71 22.09
CA LYS D 227 34.81 -0.99 22.21
C LYS D 227 35.94 -1.91 22.61
N ALA D 228 35.67 -2.91 23.44
CA ALA D 228 36.72 -3.87 23.81
C ALA D 228 37.19 -4.64 22.59
N ILE D 229 36.26 -5.07 21.74
CA ILE D 229 36.64 -5.77 20.52
C ILE D 229 37.52 -4.90 19.67
N VAL D 230 37.14 -3.63 19.50
CA VAL D 230 38.00 -2.75 18.71
C VAL D 230 39.37 -2.62 19.37
N HIS D 231 39.41 -2.36 20.69
CA HIS D 231 40.69 -2.30 21.39
C HIS D 231 41.47 -3.60 21.19
N ASN D 232 40.79 -4.74 21.32
CA ASN D 232 41.46 -6.01 21.22
C ASN D 232 42.16 -6.16 19.89
N ILE D 233 41.45 -5.83 18.80
CA ILE D 233 41.95 -6.12 17.45
C ILE D 233 42.76 -4.97 16.84
N THR D 234 42.63 -3.78 17.38
CA THR D 234 43.37 -2.62 16.86
C THR D 234 44.42 -2.12 17.82
N SER D 235 44.45 -2.67 19.03
CA SER D 235 45.39 -2.28 20.07
C SER D 235 45.27 -0.82 20.51
N ILE D 236 44.15 -0.14 20.23
CA ILE D 236 44.02 1.25 20.68
C ILE D 236 42.86 1.48 21.64
N PRO D 237 43.08 2.22 22.73
CA PRO D 237 41.98 2.55 23.66
C PRO D 237 41.02 3.59 23.09
N VAL D 238 39.76 3.19 22.86
CA VAL D 238 38.78 4.07 22.25
C VAL D 238 37.87 4.60 23.34
N GLU D 239 37.70 5.93 23.40
CA GLU D 239 36.71 6.50 24.31
C GLU D 239 35.34 5.93 23.99
N SER D 240 35.05 5.77 22.71
CA SER D 240 33.79 5.22 22.25
C SER D 240 34.04 4.44 20.98
N ALA D 241 33.06 3.61 20.62
CA ALA D 241 33.10 2.85 19.38
C ALA D 241 31.67 2.60 18.96
N LEU D 242 31.25 3.24 17.87
CA LEU D 242 29.88 3.16 17.39
C LEU D 242 29.86 2.35 16.10
N MET D 243 29.04 1.31 16.07
CA MET D 243 28.90 0.53 14.85
C MET D 243 28.18 1.35 13.81
N LEU D 244 28.70 1.35 12.59
CA LEU D 244 28.08 2.11 11.50
C LEU D 244 27.27 1.17 10.62
N ASP D 245 27.96 0.26 9.94
CA ASP D 245 27.33 -0.70 9.03
C ASP D 245 27.96 -2.07 9.22
N LEU D 246 27.43 -3.04 8.49
CA LEU D 246 27.80 -4.42 8.70
C LEU D 246 27.72 -5.15 7.38
N ASP D 247 28.66 -6.07 7.15
CA ASP D 247 28.58 -6.98 6.02
C ASP D 247 29.11 -8.35 6.44
N SER D 248 29.17 -9.28 5.48
CA SER D 248 29.54 -10.66 5.81
C SER D 248 30.98 -10.79 6.28
N LEU D 249 31.84 -9.83 5.97
CA LEU D 249 33.23 -9.90 6.35
C LEU D 249 33.54 -9.13 7.63
N GLY D 250 32.59 -8.39 8.18
CA GLY D 250 32.86 -7.61 9.36
C GLY D 250 32.01 -6.35 9.40
N PHE D 251 32.39 -5.45 10.29
CA PHE D 251 31.65 -4.20 10.45
C PHE D 251 32.62 -3.04 10.62
N ASN D 252 32.08 -1.85 10.42
CA ASN D 252 32.80 -0.60 10.56
C ASN D 252 32.32 0.12 11.82
N VAL D 253 33.21 0.91 12.41
CA VAL D 253 32.85 1.67 13.61
C VAL D 253 33.37 3.10 13.49
N LYS D 254 32.64 4.01 14.11
CA LYS D 254 33.11 5.37 14.35
C LYS D 254 33.66 5.40 15.78
N ALA D 255 34.95 5.70 15.91
CA ALA D 255 35.62 5.65 17.21
C ALA D 255 36.31 6.97 17.51
N THR D 256 36.36 7.29 18.81
CA THR D 256 36.97 8.54 19.29
C THR D 256 38.04 8.25 20.34
N GLY D 259 41.21 13.14 21.48
CA GLY D 259 40.17 14.02 20.97
C GLY D 259 40.03 14.00 19.46
N ASN D 260 40.03 12.82 18.86
CA ASN D 260 39.93 12.64 17.43
C ASN D 260 38.92 11.56 17.10
N THR D 261 38.17 11.78 16.01
CA THR D 261 37.17 10.83 15.54
C THR D 261 37.56 10.33 14.15
N PHE D 262 37.38 9.03 13.93
CA PHE D 262 37.81 8.34 12.72
C PHE D 262 37.02 7.04 12.59
N LYS D 263 37.14 6.42 11.42
CA LYS D 263 36.44 5.18 11.11
C LYS D 263 37.41 4.01 11.14
N LEU D 264 36.95 2.87 11.67
CA LEU D 264 37.77 1.68 11.78
C LEU D 264 37.01 0.45 11.29
N ARG D 265 37.70 -0.39 10.53
CA ARG D 265 37.16 -1.65 10.02
C ARG D 265 37.45 -2.78 11.00
N VAL D 266 36.41 -3.53 11.37
CA VAL D 266 36.55 -4.66 12.27
C VAL D 266 36.18 -5.93 11.51
N PRO D 267 37.16 -6.65 10.98
CA PRO D 267 36.85 -7.87 10.25
C PRO D 267 36.50 -9.01 11.20
N PHE D 268 35.58 -9.87 10.75
CA PHE D 268 35.30 -11.10 11.47
C PHE D 268 36.44 -12.09 11.28
N PRO D 269 36.63 -13.03 12.23
CA PRO D 269 37.60 -14.13 11.99
C PRO D 269 37.21 -15.01 10.81
N ARG D 270 35.96 -14.97 10.37
CA ARG D 270 35.55 -15.67 9.17
C ARG D 270 34.26 -15.03 8.67
N ARG D 271 33.91 -15.36 7.43
CA ARG D 271 32.73 -14.79 6.80
C ARG D 271 31.50 -15.25 7.54
N ALA D 272 30.59 -14.32 7.83
CA ALA D 272 29.33 -14.64 8.48
C ALA D 272 28.36 -15.18 7.45
N GLN D 273 27.65 -16.24 7.84
CA GLN D 273 26.78 -16.97 6.94
C GLN D 273 25.32 -16.57 7.06
N ASP D 274 24.89 -16.00 8.18
CA ASP D 274 23.51 -15.56 8.35
C ASP D 274 23.44 -14.68 9.59
N ARG D 275 22.22 -14.27 9.92
CA ARG D 275 22.02 -13.30 10.98
C ARG D 275 22.51 -13.84 12.32
N LYS D 276 22.10 -15.07 12.67
CA LYS D 276 22.54 -15.65 13.94
C LYS D 276 24.05 -15.82 13.98
N ASP D 277 24.64 -16.22 12.85
CA ASP D 277 26.08 -16.36 12.77
C ASP D 277 26.78 -15.03 13.05
N VAL D 278 26.16 -13.92 12.65
CA VAL D 278 26.74 -12.61 12.98
C VAL D 278 26.81 -12.42 14.49
N LYS D 279 25.72 -12.77 15.19
CA LYS D 279 25.71 -12.65 16.65
C LYS D 279 26.75 -13.57 17.29
N THR D 280 26.77 -14.85 16.90
CA THR D 280 27.73 -15.78 17.48
C THR D 280 29.17 -15.34 17.23
N LEU D 281 29.45 -14.80 16.03
CA LEU D 281 30.81 -14.33 15.74
C LEU D 281 31.17 -13.14 16.62
N ILE D 282 30.22 -12.28 16.95
CA ILE D 282 30.54 -11.15 17.81
C ILE D 282 30.80 -11.64 19.23
N VAL D 283 30.05 -12.64 19.67
CA VAL D 283 30.31 -13.26 20.97
C VAL D 283 31.73 -13.80 21.03
N GLU D 284 32.14 -14.56 19.99
CA GLU D 284 33.50 -15.10 19.97
C GLU D 284 34.55 -14.00 20.01
N MET D 285 34.35 -12.93 19.26
CA MET D 285 35.34 -11.85 19.29
C MET D 285 35.36 -11.16 20.64
N LEU D 286 34.23 -11.13 21.34
CA LEU D 286 34.23 -10.58 22.69
C LEU D 286 35.02 -11.48 23.63
N GLN D 287 34.70 -12.79 23.64
CA GLN D 287 35.44 -13.75 24.47
C GLN D 287 36.94 -13.61 24.27
N ALA D 288 37.39 -13.48 23.03
CA ALA D 288 38.81 -13.29 22.72
C ALA D 288 39.42 -12.06 23.40
CHA HEM E . -27.13 -31.96 -0.01
CHB HEM E . -29.58 -32.24 -4.21
CHC HEM E . -27.41 -36.53 -4.98
CHD HEM E . -25.82 -36.64 -0.37
C1A HEM E . -27.95 -31.63 -1.08
C2A HEM E . -28.66 -30.36 -1.29
C3A HEM E . -29.33 -30.43 -2.43
C4A HEM E . -29.08 -31.74 -3.03
CMA HEM E . -30.22 -29.31 -3.02
CAA HEM E . -28.66 -29.14 -0.33
CBA HEM E . -29.39 -29.53 0.95
CGA HEM E . -29.35 -28.41 1.95
O1A HEM E . -28.81 -27.33 1.60
O2A HEM E . -29.87 -28.60 3.09
C1B HEM E . -29.16 -33.41 -4.82
C2B HEM E . -29.47 -33.84 -6.17
C3B HEM E . -28.88 -35.04 -6.39
C4B HEM E . -28.15 -35.39 -5.17
CMB HEM E . -30.36 -33.03 -7.13
CAB HEM E . -28.88 -35.96 -7.66
CBB HEM E . -29.36 -35.60 -8.86
C1C HEM E . -26.82 -36.96 -3.81
C2C HEM E . -26.13 -38.24 -3.61
C3C HEM E . -25.67 -38.27 -2.33
C4C HEM E . -26.08 -37.02 -1.68
CMC HEM E . -25.98 -39.30 -4.72
CAC HEM E . -24.89 -39.39 -1.59
CBC HEM E . -24.56 -40.58 -2.12
C1D HEM E . -25.95 -35.35 0.13
C2D HEM E . -25.44 -34.82 1.40
C3D HEM E . -25.79 -33.53 1.48
C4D HEM E . -26.56 -33.19 0.30
CMD HEM E . -24.62 -35.59 2.44
CAD HEM E . -25.47 -32.59 2.68
CBD HEM E . -24.20 -31.75 2.56
CGD HEM E . -24.12 -30.78 3.73
O1D HEM E . -24.40 -29.56 3.53
O2D HEM E . -23.79 -31.18 4.89
NA HEM E . -28.23 -32.43 -2.18
NB HEM E . -28.35 -34.38 -4.25
NC HEM E . -26.76 -36.27 -2.61
ND HEM E . -26.62 -34.33 -0.50
FE HEM E . -27.52 -34.38 -2.36
N1 AZI F . -30.18 -35.90 -1.58
N2 AZI F . -30.87 -36.84 -1.48
N3 AZI F . -31.55 -37.77 -1.36
CHA HEM G . -15.19 -0.74 8.02
CHB HEM G . -17.29 3.60 8.74
CHC HEM G . -14.00 5.64 5.84
CHD HEM G . -12.25 1.24 4.72
C1A HEM G . -16.04 0.25 8.47
C2A HEM G . -17.18 0.07 9.37
C3A HEM G . -17.74 1.27 9.56
C4A HEM G . -17.00 2.25 8.80
CMA HEM G . -18.98 1.54 10.44
CAA HEM G . -17.69 -1.22 10.03
CBA HEM G . -18.05 -2.33 9.05
CGA HEM G . -18.95 -3.31 9.77
O1A HEM G . -18.99 -4.49 9.37
O2A HEM G . -19.62 -2.91 10.76
C1B HEM G . -16.53 4.55 8.10
C2B HEM G . -16.63 5.97 8.28
C3B HEM G . -15.73 6.56 7.48
C4B HEM G . -15.02 5.51 6.76
CMB HEM G . -17.65 6.64 9.26
CAB HEM G . -15.41 8.07 7.30
CBB HEM G . -15.93 9.05 8.05
C1C HEM G . -13.32 4.63 5.19
C2C HEM G . -12.49 4.75 4.01
C3C HEM G . -12.02 3.53 3.70
C4C HEM G . -12.51 2.60 4.69
CMC HEM G . -12.26 6.10 3.26
CAC HEM G . -11.08 3.07 2.55
CBC HEM G . -10.49 3.89 1.68
C1D HEM G . -12.89 0.31 5.51
C2D HEM G . -12.67 -1.13 5.50
C3D HEM G . -13.48 -1.67 6.40
C4D HEM G . -14.24 -0.60 7.03
CMD HEM G . -11.69 -1.89 4.59
CAD HEM G . -13.58 -3.18 6.74
CBD HEM G . -12.77 -3.44 8.00
CGD HEM G . -13.25 -4.71 8.67
O1D HEM G . -13.00 -4.88 9.89
O2D HEM G . -13.89 -5.52 7.97
NA HEM G . -15.97 1.60 8.15
NB HEM G . -15.54 4.30 7.17
NC HEM G . -13.30 3.30 5.56
ND HEM G . -13.84 0.59 6.45
FE HEM G . -14.59 2.55 6.82
N1 AZI H . -12.12 4.34 10.14
N2 AZI H . -12.37 3.46 9.43
N3 AZI H . -12.62 2.58 8.73
CHA HEM I . 38.72 17.03 -1.91
CHB HEM I . 40.28 18.50 2.45
CHC HEM I . 43.88 15.21 2.35
CHD HEM I . 42.67 14.21 -2.24
C1A HEM I . 38.80 17.70 -0.70
C2A HEM I . 37.84 18.65 -0.17
C3A HEM I . 38.29 19.05 1.03
C4A HEM I . 39.52 18.36 1.32
CMA HEM I . 37.60 20.07 1.96
CAA HEM I . 36.56 19.15 -0.88
CBA HEM I . 37.03 20.08 -2.00
CGA HEM I . 35.95 20.37 -3.01
O1A HEM I . 36.25 20.97 -4.07
O2A HEM I . 34.78 19.98 -2.74
C1B HEM I . 41.36 17.70 2.83
C2B HEM I . 42.00 17.72 4.12
C3B HEM I . 43.00 16.81 4.10
C4B HEM I . 43.01 16.19 2.79
CMB HEM I . 41.54 18.66 5.26
CAB HEM I . 44.00 16.42 5.22
CBB HEM I . 43.97 16.88 6.48
C1C HEM I . 43.90 14.67 1.08
C2C HEM I . 44.84 13.68 0.57
C3C HEM I . 44.50 13.42 -0.71
C4C HEM I . 43.33 14.20 -1.03
CMC HEM I . 46.02 13.11 1.39
CAC HEM I . 45.14 12.45 -1.74
CBC HEM I . 46.08 11.55 -1.45
C1D HEM I . 41.47 14.83 -2.53
C2D HEM I . 40.68 14.62 -3.72
C3D HEM I . 39.59 15.39 -3.65
C4D HEM I . 39.65 16.12 -2.39
CMD HEM I . 41.07 13.68 -4.88
CAD HEM I . 38.51 15.44 -4.76
CBD HEM I . 37.10 15.13 -4.26
CGD HEM I . 36.16 14.98 -5.43
O1D HEM I . 36.57 14.51 -6.52
O2D HEM I . 34.96 15.31 -5.29
NA HEM I . 39.80 17.53 0.25
NB HEM I . 41.99 16.76 2.05
NC HEM I . 42.99 14.95 0.08
ND HEM I . 40.80 15.74 -1.74
FE HEM I . 41.47 16.28 0.18
N1 AZI J . 44.98 19.16 -1.03
N2 AZI J . 43.90 18.77 -1.18
N3 AZI J . 42.82 18.38 -1.34
CHA HEM K . 4.59 15.72 -5.40
CHB HEM K . 2.31 12.58 -2.48
CHC HEM K . -1.29 15.77 -1.97
CHD HEM K . 0.67 18.57 -5.43
C1A HEM K . 4.30 14.63 -4.63
C2A HEM K . 5.18 13.51 -4.38
C3A HEM K . 4.57 12.63 -3.59
C4A HEM K . 3.26 13.18 -3.27
CMA HEM K . 5.15 11.30 -3.08
CAA HEM K . 6.58 13.33 -4.97
CBA HEM K . 6.38 12.98 -6.44
CGA HEM K . 7.72 12.81 -7.08
O1A HEM K . 7.76 12.73 -8.33
O2A HEM K . 8.72 12.73 -6.33
C1B HEM K . 1.20 13.22 -1.99
C2B HEM K . 0.43 12.82 -0.83
C3B HEM K . -0.57 13.70 -0.69
C4B HEM K . -0.45 14.69 -1.75
CMB HEM K . 0.77 11.58 0.03
CAB HEM K . -1.70 13.76 0.38
CBB HEM K . -1.90 12.83 1.33
C1C HEM K . -1.09 16.78 -2.88
C2C HEM K . -2.01 17.89 -3.14
C3C HEM K . -1.46 18.68 -4.09
C4C HEM K . -0.19 18.08 -4.47
CMC HEM K . -3.34 18.07 -2.38
CAC HEM K . -2.01 19.97 -4.74
CBC HEM K . -3.27 20.39 -4.65
C1D HEM K . 1.91 18.05 -5.73
C2D HEM K . 2.86 18.58 -6.70
C3D HEM K . 3.95 17.81 -6.69
C4D HEM K . 3.73 16.74 -5.72
CMD HEM K . 2.65 19.83 -7.59
CAD HEM K . 5.20 18.02 -7.57
CBD HEM K . 6.42 18.37 -6.73
CGD HEM K . 7.63 18.61 -7.61
O1D HEM K . 8.70 18.00 -7.34
O2D HEM K . 7.53 19.41 -8.58
NA HEM K . 3.14 14.39 -3.92
NB HEM K . 0.64 14.35 -2.53
NC HEM K . -0.01 16.93 -3.72
ND HEM K . 2.47 16.94 -5.16
FE HEM K . 1.51 15.62 -3.91
N1 AZI L . 0.84 14.30 -6.14
N2 AZI L . -0.30 14.05 -6.13
N3 AZI L . -1.43 13.80 -6.12
#